data_6B1L
#
_entry.id   6B1L
#
_cell.length_a   80.030
_cell.length_b   81.490
_cell.length_c   119.440
_cell.angle_alpha   90.000
_cell.angle_beta   90.000
_cell.angle_gamma   90.000
#
_symmetry.space_group_name_H-M   'P 21 21 2'
#
loop_
_entity.id
_entity.type
_entity.pdbx_description
1 polymer 'Glycylpeptide N-tetradecanoyltransferase'
2 non-polymer TETRADECANOYL-COA
3 non-polymer 1-(5-fluoro-2-{methyl[3-(methylamino)propyl]amino}pyrimidin-4-yl)-N-[(imidazo[1,2-a]pyridin-3-yl)methyl]azetidine-3-carboxamide
4 water water
#
_entity_poly.entity_id   1
_entity_poly.type   'polypeptide(L)'
_entity_poly.pdbx_seq_one_letter_code
;MGSSHHHHHHSAALEVLFQGPDYKFWYTQPVPKINDEFNESVNEPFISDNKVEDVRKDEYKLPPGYSWYVCDVKDEKDRS
EIYTLLTDNYVEDDDNIFRFNYSAEFLLWALTSPNYLKTWHIGVKYDASNKLIGFISAIPTDICIHKRTIKMAEVNFLCV
HKTLRSKRLAPVLIKEITRRINLENIWQAIYTAGVYLPKPVSDARYYHRSINVKKLIEIGFSSLNSRLTMSRAIKLYRVE
DTLNIKNMRLMKKKDVEGVHKLLGSYLEQFNLYAVFTKEEIAHWFLPIENVIYTYVNEENGKIKDMISFYSLPSQILGND
KYSTLNAAYSFYNVTTTATFKQLMQDAILLAKRNNFDVFNALEVMQNKSVFEDLKFGEGDGSLKYYLYNWKCASFAPAHV
GIVLL
;
_entity_poly.pdbx_strand_id   A,B
#
loop_
_chem_comp.id
_chem_comp.type
_chem_comp.name
_chem_comp.formula
CJ4 non-polymer 1-(5-fluoro-2-{methyl[3-(methylamino)propyl]amino}pyrimidin-4-yl)-N-[(imidazo[1,2-a]pyridin-3-yl)methyl]azetidine-3-carboxamide 'C21 H27 F N8 O'
MYA non-polymer TETRADECANOYL-COA 'C35 H62 N7 O17 P3 S'
#
# COMPACT_ATOMS: atom_id res chain seq x y z
N ASP A 22 -16.83 23.36 28.67
CA ASP A 22 -16.21 24.67 28.57
C ASP A 22 -15.78 24.98 27.13
N TYR A 23 -15.24 23.96 26.46
CA TYR A 23 -14.72 24.09 25.10
C TYR A 23 -13.74 25.26 25.01
N LYS A 24 -12.70 25.18 25.83
CA LYS A 24 -11.75 26.29 25.99
C LYS A 24 -11.28 26.83 24.64
N PHE A 25 -10.93 25.94 23.71
CA PHE A 25 -10.50 26.40 22.39
C PHE A 25 -11.69 26.83 21.54
N TRP A 26 -12.69 25.95 21.38
CA TRP A 26 -13.80 26.25 20.48
C TRP A 26 -14.63 27.44 20.94
N TYR A 27 -14.57 27.78 22.22
CA TYR A 27 -15.26 28.96 22.74
C TYR A 27 -14.69 30.25 22.18
N THR A 28 -13.47 30.23 21.63
CA THR A 28 -12.85 31.40 21.03
C THR A 28 -13.03 31.48 19.52
N GLN A 29 -13.59 30.44 18.89
CA GLN A 29 -13.72 30.37 17.45
C GLN A 29 -15.05 30.93 16.97
N PRO A 30 -15.14 31.36 15.71
CA PRO A 30 -16.43 31.85 15.19
C PRO A 30 -17.37 30.71 14.81
N VAL A 31 -17.85 30.02 15.84
CA VAL A 31 -18.80 28.92 15.66
C VAL A 31 -19.96 29.14 16.63
N PRO A 32 -21.13 28.57 16.34
CA PRO A 32 -22.27 28.75 17.25
C PRO A 32 -21.96 28.17 18.62
N LYS A 33 -22.66 28.69 19.62
CA LYS A 33 -22.52 28.19 20.97
C LYS A 33 -23.18 26.83 21.09
N ILE A 34 -23.02 26.22 22.27
CA ILE A 34 -23.42 24.84 22.49
C ILE A 34 -24.93 24.70 22.36
N ASN A 35 -25.69 25.67 22.88
CA ASN A 35 -27.13 25.61 22.89
C ASN A 35 -27.77 26.63 21.94
N ASP A 36 -27.01 27.08 20.94
CA ASP A 36 -27.50 28.11 20.03
C ASP A 36 -28.57 27.55 19.10
N GLU A 37 -29.51 28.42 18.72
CA GLU A 37 -30.49 28.14 17.69
C GLU A 37 -30.71 29.41 16.88
N PHE A 38 -30.79 29.25 15.56
CA PHE A 38 -30.95 30.38 14.66
C PHE A 38 -32.22 30.23 13.83
N ASN A 39 -32.86 31.36 13.56
CA ASN A 39 -34.11 31.34 12.82
C ASN A 39 -33.87 30.93 11.37
N GLU A 40 -34.94 30.42 10.74
CA GLU A 40 -34.82 29.85 9.41
C GLU A 40 -34.39 30.87 8.36
N SER A 41 -34.49 32.17 8.66
CA SER A 41 -34.16 33.21 7.72
C SER A 41 -32.72 33.69 7.81
N VAL A 42 -31.90 33.08 8.67
CA VAL A 42 -30.53 33.53 8.91
C VAL A 42 -29.57 32.65 8.11
N ASN A 43 -28.68 33.28 7.36
CA ASN A 43 -27.70 32.58 6.53
C ASN A 43 -26.53 33.51 6.22
N GLU A 44 -25.62 33.68 7.17
CA GLU A 44 -24.58 34.70 7.08
C GLU A 44 -23.38 34.24 7.89
N PRO A 45 -22.20 34.83 7.66
CA PRO A 45 -21.05 34.51 8.50
C PRO A 45 -21.22 35.05 9.90
N PHE A 46 -20.49 34.42 10.84
CA PHE A 46 -20.36 35.02 12.17
C PHE A 46 -19.48 36.27 12.12
N ILE A 47 -18.38 36.20 11.39
CA ILE A 47 -17.46 37.33 11.23
C ILE A 47 -17.30 37.58 9.73
N SER A 48 -17.72 38.75 9.28
CA SER A 48 -17.61 39.14 7.88
C SER A 48 -16.70 40.36 7.75
N ASP A 49 -16.55 40.82 6.50
CA ASP A 49 -15.69 41.95 6.18
C ASP A 49 -14.24 41.67 6.57
N ASN A 50 -13.82 40.42 6.41
CA ASN A 50 -12.45 40.03 6.71
C ASN A 50 -11.52 40.49 5.60
N LYS A 51 -10.32 40.94 5.97
CA LYS A 51 -9.32 41.41 5.03
C LYS A 51 -8.11 40.50 5.08
N VAL A 52 -7.62 40.10 3.91
CA VAL A 52 -6.45 39.23 3.83
C VAL A 52 -5.25 39.90 4.50
N GLU A 53 -5.10 41.22 4.31
CA GLU A 53 -3.94 41.92 4.86
C GLU A 53 -3.89 41.88 6.38
N ASP A 54 -4.98 41.49 7.05
CA ASP A 54 -5.02 41.43 8.50
C ASP A 54 -4.59 40.08 9.06
N VAL A 55 -4.50 39.05 8.22
CA VAL A 55 -4.14 37.72 8.71
C VAL A 55 -2.69 37.71 9.18
N ARG A 56 -2.43 37.02 10.28
CA ARG A 56 -1.06 36.81 10.74
C ARG A 56 -0.22 36.22 9.61
N LYS A 57 0.91 36.87 9.33
CA LYS A 57 1.77 36.43 8.24
C LYS A 57 2.72 35.31 8.64
N ASP A 58 3.07 35.21 9.91
CA ASP A 58 3.97 34.17 10.38
C ASP A 58 3.18 32.98 10.90
N GLU A 59 3.78 31.80 10.77
CA GLU A 59 3.20 30.59 11.37
C GLU A 59 3.11 30.75 12.88
N TYR A 60 2.08 30.14 13.46
CA TYR A 60 1.96 30.14 14.91
C TYR A 60 3.11 29.36 15.54
N LYS A 61 3.53 29.80 16.72
CA LYS A 61 4.65 29.16 17.39
C LYS A 61 4.23 27.82 17.99
N LEU A 62 5.00 26.79 17.70
CA LEU A 62 4.87 25.47 18.28
C LEU A 62 5.63 25.40 19.58
N PRO A 63 5.36 24.41 20.43
CA PRO A 63 6.16 24.22 21.65
C PRO A 63 7.60 23.87 21.30
N PRO A 64 8.53 23.99 22.24
CA PRO A 64 9.92 23.62 21.97
C PRO A 64 10.03 22.18 21.54
N GLY A 65 10.92 21.93 20.57
CA GLY A 65 11.10 20.59 20.04
C GLY A 65 10.15 20.20 18.92
N TYR A 66 9.37 21.14 18.40
CA TYR A 66 8.41 20.87 17.35
C TYR A 66 8.63 21.82 16.19
N SER A 67 8.34 21.34 14.98
CA SER A 67 8.59 22.11 13.77
C SER A 67 7.47 21.90 12.77
N TRP A 68 7.05 22.98 12.13
CA TRP A 68 6.11 22.86 11.01
C TRP A 68 6.79 22.19 9.83
N TYR A 69 6.01 21.43 9.08
CA TYR A 69 6.52 20.74 7.89
C TYR A 69 5.44 20.76 6.82
N VAL A 70 5.65 21.56 5.78
CA VAL A 70 4.76 21.55 4.62
C VAL A 70 4.94 20.22 3.91
N CYS A 71 3.86 19.44 3.81
CA CYS A 71 3.91 18.14 3.18
C CYS A 71 3.64 18.23 1.69
N ASP A 72 4.39 17.47 0.91
CA ASP A 72 4.15 17.30 -0.52
C ASP A 72 3.57 15.89 -0.70
N VAL A 73 2.23 15.81 -0.74
CA VAL A 73 1.55 14.53 -0.83
C VAL A 73 1.93 13.80 -2.11
N LYS A 74 2.30 14.53 -3.16
CA LYS A 74 2.76 13.90 -4.38
C LYS A 74 4.18 13.36 -4.29
N ASP A 75 4.92 13.69 -3.23
CA ASP A 75 6.23 13.13 -2.98
C ASP A 75 6.07 11.84 -2.17
N GLU A 76 6.73 10.77 -2.63
CA GLU A 76 6.50 9.46 -2.03
C GLU A 76 6.89 9.44 -0.55
N LYS A 77 7.99 10.09 -0.20
CA LYS A 77 8.46 10.06 1.19
C LYS A 77 7.47 10.79 2.10
N ASP A 78 7.08 12.01 1.73
CA ASP A 78 6.08 12.74 2.51
C ASP A 78 4.79 11.95 2.62
N ARG A 79 4.29 11.42 1.50
CA ARG A 79 3.05 10.66 1.52
C ARG A 79 3.18 9.42 2.40
N SER A 80 4.35 8.78 2.36
CA SER A 80 4.59 7.60 3.19
C SER A 80 4.54 7.95 4.67
N GLU A 81 5.06 9.13 5.04
CA GLU A 81 5.06 9.54 6.44
C GLU A 81 3.65 9.87 6.91
N ILE A 82 2.86 10.52 6.06
CA ILE A 82 1.47 10.80 6.41
C ILE A 82 0.72 9.49 6.60
N TYR A 83 0.88 8.56 5.66
CA TYR A 83 0.23 7.25 5.76
C TYR A 83 0.59 6.55 7.06
N THR A 84 1.87 6.55 7.43
CA THR A 84 2.30 5.87 8.64
C THR A 84 1.69 6.50 9.88
N LEU A 85 1.64 7.83 9.93
CA LEU A 85 1.02 8.53 11.06
C LEU A 85 -0.44 8.13 11.21
N LEU A 86 -1.19 8.20 10.12
CA LEU A 86 -2.61 7.87 10.17
C LEU A 86 -2.83 6.38 10.41
N THR A 87 -1.99 5.54 9.82
CA THR A 87 -2.11 4.09 10.02
C THR A 87 -1.94 3.72 11.49
N ASP A 88 -1.13 4.49 12.23
CA ASP A 88 -0.85 4.17 13.62
C ASP A 88 -1.68 4.97 14.62
N ASN A 89 -2.21 6.14 14.24
CA ASN A 89 -2.74 7.06 15.22
C ASN A 89 -4.09 7.66 14.88
N TYR A 90 -4.77 7.19 13.83
CA TYR A 90 -6.01 7.82 13.43
C TYR A 90 -7.18 7.16 14.18
N VAL A 91 -8.41 7.35 13.69
CA VAL A 91 -9.60 7.06 14.47
C VAL A 91 -9.71 5.57 14.74
N GLU A 92 -10.05 5.23 15.99
CA GLU A 92 -10.35 3.86 16.39
C GLU A 92 -11.77 3.81 16.93
N ASP A 93 -12.35 2.61 16.91
CA ASP A 93 -13.68 2.44 17.48
C ASP A 93 -13.63 2.58 19.00
N ASP A 94 -14.81 2.69 19.60
CA ASP A 94 -14.90 2.91 21.04
C ASP A 94 -14.24 1.79 21.83
N ASP A 95 -14.19 0.58 21.28
CA ASP A 95 -13.59 -0.56 21.94
C ASP A 95 -12.19 -0.90 21.44
N ASN A 96 -11.64 -0.08 20.54
CA ASN A 96 -10.26 -0.23 20.06
C ASN A 96 -10.05 -1.59 19.37
N ILE A 97 -11.02 -1.99 18.55
CA ILE A 97 -10.92 -3.23 17.80
C ILE A 97 -10.43 -2.94 16.39
N PHE A 98 -10.77 -1.76 15.88
CA PHE A 98 -10.42 -1.37 14.52
C PHE A 98 -9.73 -0.01 14.52
N ARG A 99 -8.92 0.22 13.50
CA ARG A 99 -8.35 1.53 13.24
C ARG A 99 -8.46 1.82 11.75
N PHE A 100 -8.94 3.01 11.41
CA PHE A 100 -9.02 3.40 10.01
C PHE A 100 -7.66 3.30 9.34
N ASN A 101 -7.62 2.66 8.17
CA ASN A 101 -6.38 2.40 7.46
C ASN A 101 -6.52 2.94 6.03
N TYR A 102 -6.58 4.27 5.92
CA TYR A 102 -6.54 4.92 4.62
C TYR A 102 -5.29 4.50 3.85
N SER A 103 -5.47 4.10 2.60
CA SER A 103 -4.32 3.78 1.78
C SER A 103 -3.65 5.06 1.28
N ALA A 104 -2.38 4.93 0.90
CA ALA A 104 -1.64 6.09 0.41
C ALA A 104 -2.24 6.61 -0.89
N GLU A 105 -2.73 5.71 -1.76
CA GLU A 105 -3.39 6.16 -2.97
C GLU A 105 -4.69 6.89 -2.66
N PHE A 106 -5.40 6.46 -1.62
CA PHE A 106 -6.60 7.18 -1.18
C PHE A 106 -6.25 8.59 -0.72
N LEU A 107 -5.19 8.71 0.08
CA LEU A 107 -4.79 10.02 0.58
C LEU A 107 -4.41 10.95 -0.56
N LEU A 108 -3.75 10.43 -1.59
CA LEU A 108 -3.43 11.25 -2.75
C LEU A 108 -4.69 11.73 -3.45
N TRP A 109 -5.65 10.84 -3.64
CA TRP A 109 -6.93 11.21 -4.23
C TRP A 109 -7.67 12.20 -3.34
N ALA A 110 -7.59 12.00 -2.02
CA ALA A 110 -8.34 12.84 -1.09
C ALA A 110 -7.78 14.26 -1.01
N LEU A 111 -6.49 14.44 -1.32
CA LEU A 111 -5.81 15.69 -1.05
C LEU A 111 -5.34 16.43 -2.29
N THR A 112 -5.44 15.86 -3.48
CA THR A 112 -4.98 16.53 -4.70
C THR A 112 -6.13 16.78 -5.66
N SER A 113 -7.30 17.14 -5.12
CA SER A 113 -8.41 17.60 -5.92
C SER A 113 -8.02 18.88 -6.66
N PRO A 114 -8.80 19.27 -7.67
CA PRO A 114 -8.43 20.44 -8.48
C PRO A 114 -8.27 21.70 -7.66
N ASN A 115 -7.26 22.49 -8.02
CA ASN A 115 -6.95 23.78 -7.40
C ASN A 115 -6.48 23.64 -5.97
N TYR A 116 -6.12 22.43 -5.54
CA TYR A 116 -5.65 22.22 -4.18
C TYR A 116 -4.38 23.02 -3.92
N LEU A 117 -4.14 23.34 -2.65
CA LEU A 117 -2.97 24.10 -2.23
C LEU A 117 -2.07 23.20 -1.41
N LYS A 118 -0.81 23.06 -1.84
CA LYS A 118 0.17 22.30 -1.08
C LYS A 118 0.34 22.88 0.33
N THR A 119 0.24 24.19 0.47
CA THR A 119 0.36 24.83 1.78
C THR A 119 -0.82 24.56 2.68
N TRP A 120 -1.80 23.77 2.25
CA TRP A 120 -2.92 23.36 3.09
C TRP A 120 -2.77 21.94 3.59
N HIS A 121 -1.64 21.30 3.33
CA HIS A 121 -1.31 19.98 3.88
C HIS A 121 -0.20 20.20 4.90
N ILE A 122 -0.57 20.29 6.18
CA ILE A 122 0.30 20.81 7.22
C ILE A 122 0.62 19.71 8.22
N GLY A 123 1.92 19.49 8.45
CA GLY A 123 2.38 18.51 9.42
C GLY A 123 3.19 19.18 10.53
N VAL A 124 3.39 18.42 11.60
CA VAL A 124 4.26 18.80 12.71
C VAL A 124 5.21 17.65 12.97
N LYS A 125 6.51 17.94 12.96
CA LYS A 125 7.54 16.95 13.22
C LYS A 125 8.09 17.12 14.63
N TYR A 126 8.31 15.99 15.31
CA TYR A 126 9.00 15.98 16.59
C TYR A 126 10.49 16.01 16.33
N ASP A 127 11.16 17.09 16.74
CA ASP A 127 12.52 17.36 16.30
C ASP A 127 13.50 16.28 16.74
N ALA A 128 13.34 15.76 17.96
CA ALA A 128 14.34 14.83 18.49
C ALA A 128 14.35 13.51 17.73
N SER A 129 13.24 13.14 17.10
CA SER A 129 13.17 11.92 16.31
C SER A 129 12.92 12.16 14.83
N ASN A 130 12.67 13.41 14.43
CA ASN A 130 12.46 13.77 13.02
C ASN A 130 11.24 13.06 12.43
N LYS A 131 10.27 12.73 13.27
CA LYS A 131 9.09 11.99 12.84
C LYS A 131 7.87 12.89 12.83
N LEU A 132 7.01 12.70 11.83
CA LEU A 132 5.73 13.40 11.78
C LEU A 132 4.85 12.92 12.93
N ILE A 133 4.34 13.88 13.72
CA ILE A 133 3.54 13.53 14.89
C ILE A 133 2.19 14.23 14.84
N GLY A 134 2.01 15.13 13.87
CA GLY A 134 0.76 15.84 13.72
C GLY A 134 0.51 16.16 12.28
N PHE A 135 -0.78 16.25 11.91
CA PHE A 135 -1.16 16.52 10.53
C PHE A 135 -2.58 17.08 10.51
N ILE A 136 -2.82 17.97 9.54
CA ILE A 136 -4.16 18.48 9.25
C ILE A 136 -4.15 18.94 7.80
N SER A 137 -5.32 18.86 7.15
CA SER A 137 -5.36 19.12 5.72
C SER A 137 -6.69 19.77 5.34
N ALA A 138 -6.67 20.50 4.22
CA ALA A 138 -7.86 21.12 3.68
C ALA A 138 -7.74 21.14 2.16
N ILE A 139 -8.89 21.10 1.49
CA ILE A 139 -8.97 21.25 0.04
C ILE A 139 -10.00 22.32 -0.27
N PRO A 140 -9.82 23.13 -1.32
CA PRO A 140 -10.84 24.13 -1.66
C PRO A 140 -12.04 23.49 -2.30
N THR A 141 -13.22 24.02 -1.99
CA THR A 141 -14.46 23.51 -2.56
C THR A 141 -15.55 24.56 -2.47
N ASP A 142 -16.40 24.60 -3.48
CA ASP A 142 -17.57 25.46 -3.47
C ASP A 142 -18.69 24.77 -2.70
N ILE A 143 -19.07 25.35 -1.56
CA ILE A 143 -20.10 24.79 -0.69
C ILE A 143 -21.36 25.63 -0.82
N CYS A 144 -22.48 24.98 -1.09
CA CYS A 144 -23.79 25.63 -1.18
C CYS A 144 -24.56 25.30 0.09
N ILE A 145 -24.72 26.30 0.96
CA ILE A 145 -25.41 26.14 2.24
C ILE A 145 -26.67 27.01 2.22
N HIS A 146 -27.82 26.39 2.40
CA HIS A 146 -29.11 27.07 2.32
C HIS A 146 -29.21 27.93 1.06
N LYS A 147 -28.82 27.31 -0.07
CA LYS A 147 -28.90 27.86 -1.41
C LYS A 147 -27.92 29.00 -1.68
N ARG A 148 -26.94 29.23 -0.81
CA ARG A 148 -25.91 30.23 -1.05
C ARG A 148 -24.57 29.52 -1.19
N THR A 149 -23.90 29.73 -2.33
CA THR A 149 -22.66 29.05 -2.65
C THR A 149 -21.48 29.86 -2.14
N ILE A 150 -20.61 29.21 -1.36
CA ILE A 150 -19.49 29.86 -0.70
C ILE A 150 -18.22 29.06 -0.99
N LYS A 151 -17.14 29.76 -1.33
CA LYS A 151 -15.83 29.13 -1.45
C LYS A 151 -15.32 28.79 -0.05
N MET A 152 -15.21 27.51 0.25
CA MET A 152 -14.79 27.03 1.56
C MET A 152 -13.57 26.14 1.44
N ALA A 153 -13.01 25.79 2.60
CA ALA A 153 -12.00 24.75 2.72
C ALA A 153 -12.64 23.53 3.39
N GLU A 154 -12.29 22.35 2.92
CA GLU A 154 -12.82 21.11 3.47
C GLU A 154 -11.73 20.48 4.31
N VAL A 155 -11.85 20.58 5.63
CA VAL A 155 -10.82 20.14 6.55
C VAL A 155 -11.01 18.67 6.87
N ASN A 156 -9.92 17.91 6.85
CA ASN A 156 -9.98 16.48 7.15
C ASN A 156 -8.61 16.00 7.57
N PHE A 157 -8.57 14.78 8.11
CA PHE A 157 -7.33 14.08 8.44
C PHE A 157 -6.54 14.77 9.54
N LEU A 158 -7.24 15.41 10.47
CA LEU A 158 -6.60 15.93 11.67
C LEU A 158 -6.16 14.77 12.55
N CYS A 159 -4.86 14.70 12.87
CA CYS A 159 -4.33 13.56 13.60
C CYS A 159 -3.14 13.98 14.44
N VAL A 160 -3.14 13.56 15.71
CA VAL A 160 -2.02 13.76 16.62
C VAL A 160 -1.59 12.39 17.12
N HIS A 161 -0.28 12.14 17.10
CA HIS A 161 0.28 10.87 17.54
C HIS A 161 -0.23 10.53 18.94
N LYS A 162 -0.43 9.22 19.20
CA LYS A 162 -1.05 8.80 20.45
C LYS A 162 -0.19 9.13 21.66
N THR A 163 1.13 9.18 21.51
CA THR A 163 1.98 9.53 22.63
C THR A 163 1.86 11.00 23.03
N LEU A 164 1.27 11.83 22.19
CA LEU A 164 1.20 13.27 22.44
C LEU A 164 -0.24 13.77 22.54
N ARG A 165 -1.19 12.88 22.84
CA ARG A 165 -2.58 13.29 23.00
C ARG A 165 -2.73 14.17 24.25
N SER A 166 -3.76 15.01 24.24
CA SER A 166 -4.09 15.89 25.35
C SER A 166 -2.96 16.87 25.68
N LYS A 167 -2.15 17.21 24.69
CA LYS A 167 -1.09 18.21 24.85
C LYS A 167 -1.46 19.53 24.17
N ARG A 168 -2.73 19.72 23.80
CA ARG A 168 -3.22 20.93 23.16
C ARG A 168 -2.54 21.18 21.81
N LEU A 169 -2.09 20.11 21.15
CA LEU A 169 -1.54 20.26 19.80
C LEU A 169 -2.63 20.44 18.75
N ALA A 170 -3.82 19.91 19.00
CA ALA A 170 -4.90 20.06 18.03
C ALA A 170 -5.30 21.53 17.81
N PRO A 171 -5.45 22.38 18.83
CA PRO A 171 -5.79 23.78 18.56
C PRO A 171 -4.81 24.50 17.66
N VAL A 172 -3.50 24.31 17.85
CA VAL A 172 -2.54 25.06 17.05
C VAL A 172 -2.54 24.57 15.61
N LEU A 173 -2.78 23.27 15.38
CA LEU A 173 -2.98 22.78 14.02
C LEU A 173 -4.16 23.47 13.36
N ILE A 174 -5.28 23.57 14.08
CA ILE A 174 -6.48 24.18 13.54
C ILE A 174 -6.26 25.67 13.27
N LYS A 175 -5.59 26.36 14.21
CA LYS A 175 -5.36 27.80 14.03
C LYS A 175 -4.41 28.06 12.88
N GLU A 176 -3.38 27.23 12.71
CA GLU A 176 -2.42 27.45 11.65
C GLU A 176 -3.03 27.20 10.28
N ILE A 177 -3.82 26.12 10.13
CA ILE A 177 -4.44 25.88 8.84
C ILE A 177 -5.53 26.91 8.57
N THR A 178 -6.20 27.40 9.62
CA THR A 178 -7.10 28.53 9.47
C THR A 178 -6.37 29.75 8.92
N ARG A 179 -5.17 30.00 9.42
CA ARG A 179 -4.36 31.12 8.93
C ARG A 179 -4.04 30.94 7.46
N ARG A 180 -3.60 29.75 7.06
CA ARG A 180 -3.21 29.51 5.68
C ARG A 180 -4.42 29.49 4.75
N ILE A 181 -5.59 29.12 5.27
CA ILE A 181 -6.82 29.25 4.49
C ILE A 181 -7.22 30.71 4.36
N ASN A 182 -7.16 31.46 5.46
CA ASN A 182 -7.52 32.87 5.42
C ASN A 182 -6.61 33.67 4.49
N LEU A 183 -5.33 33.27 4.40
CA LEU A 183 -4.42 33.96 3.50
C LEU A 183 -4.82 33.82 2.04
N GLU A 184 -5.70 32.87 1.73
CA GLU A 184 -6.24 32.69 0.37
C GLU A 184 -7.59 33.38 0.20
N ASN A 185 -7.94 34.32 1.09
CA ASN A 185 -9.21 35.04 1.03
C ASN A 185 -10.40 34.10 1.19
N ILE A 186 -10.22 33.03 1.95
CA ILE A 186 -11.29 32.06 2.23
C ILE A 186 -11.53 32.05 3.73
N TRP A 187 -12.81 32.22 4.12
CA TRP A 187 -13.15 32.47 5.51
C TRP A 187 -14.22 31.52 6.06
N GLN A 188 -14.58 30.49 5.31
CA GLN A 188 -15.51 29.48 5.77
C GLN A 188 -14.91 28.10 5.55
N ALA A 189 -15.41 27.12 6.29
CA ALA A 189 -14.90 25.76 6.19
C ALA A 189 -16.02 24.78 6.52
N ILE A 190 -15.88 23.57 6.01
CA ILE A 190 -16.79 22.47 6.32
C ILE A 190 -15.97 21.30 6.82
N TYR A 191 -16.50 20.57 7.79
CA TYR A 191 -15.80 19.42 8.34
C TYR A 191 -16.80 18.53 9.05
N THR A 192 -16.44 17.25 9.15
CA THR A 192 -17.23 16.27 9.87
C THR A 192 -16.39 15.65 10.98
N ALA A 193 -17.06 15.20 12.03
CA ALA A 193 -16.40 14.48 13.11
C ALA A 193 -17.44 13.63 13.82
N GLY A 194 -16.96 12.53 14.41
CA GLY A 194 -17.83 11.70 15.23
C GLY A 194 -18.07 12.25 16.61
N VAL A 195 -17.20 13.13 17.09
CA VAL A 195 -17.40 13.74 18.40
C VAL A 195 -18.34 14.94 18.26
N TYR A 196 -18.94 15.32 19.39
CA TYR A 196 -19.86 16.45 19.42
C TYR A 196 -19.09 17.72 19.75
N LEU A 197 -19.04 18.64 18.80
CA LEU A 197 -18.36 19.92 18.95
C LEU A 197 -19.40 21.03 18.79
N PRO A 198 -19.06 22.28 19.13
CA PRO A 198 -20.01 23.38 18.86
C PRO A 198 -19.87 23.91 17.43
N LYS A 199 -20.92 23.84 16.62
CA LYS A 199 -22.15 23.11 16.91
C LYS A 199 -22.63 22.53 15.57
N PRO A 200 -23.08 21.27 15.58
CA PRO A 200 -23.39 20.61 14.30
C PRO A 200 -24.52 21.29 13.55
N VAL A 201 -24.26 21.62 12.28
CA VAL A 201 -25.34 22.07 11.41
C VAL A 201 -26.26 20.91 11.07
N SER A 202 -25.76 19.67 11.15
CA SER A 202 -26.59 18.49 10.95
C SER A 202 -25.88 17.29 11.57
N ASP A 203 -26.65 16.24 11.82
CA ASP A 203 -26.15 15.06 12.52
C ASP A 203 -26.76 13.83 11.86
N ALA A 204 -25.90 12.92 11.40
CA ALA A 204 -26.32 11.77 10.61
C ALA A 204 -25.76 10.49 11.22
N ARG A 205 -26.65 9.61 11.68
CA ARG A 205 -26.23 8.28 12.09
C ARG A 205 -25.80 7.48 10.87
N TYR A 206 -24.97 6.46 11.12
CA TYR A 206 -24.53 5.57 10.06
C TYR A 206 -25.17 4.19 10.23
N TYR A 207 -25.30 3.49 9.11
CA TYR A 207 -25.91 2.17 9.06
C TYR A 207 -24.99 1.24 8.27
N HIS A 208 -25.13 -0.06 8.52
CA HIS A 208 -24.24 -1.06 7.97
C HIS A 208 -25.05 -2.16 7.30
N ARG A 209 -24.70 -2.48 6.06
CA ARG A 209 -25.28 -3.58 5.33
C ARG A 209 -24.25 -4.71 5.28
N SER A 210 -24.52 -5.79 6.00
CA SER A 210 -23.60 -6.91 6.05
C SER A 210 -23.51 -7.59 4.69
N ILE A 211 -22.30 -7.98 4.31
CA ILE A 211 -22.08 -8.74 3.09
C ILE A 211 -21.46 -10.09 3.44
N ASN A 212 -20.22 -10.06 3.93
CA ASN A 212 -19.55 -11.27 4.41
C ASN A 212 -19.94 -11.45 5.88
N VAL A 213 -21.05 -12.16 6.09
CA VAL A 213 -21.61 -12.29 7.44
C VAL A 213 -20.63 -13.03 8.36
N LYS A 214 -20.09 -14.15 7.89
CA LYS A 214 -19.22 -14.97 8.72
C LYS A 214 -18.03 -14.16 9.25
N LYS A 215 -17.47 -13.29 8.41
CA LYS A 215 -16.30 -12.51 8.82
C LYS A 215 -16.68 -11.45 9.85
N LEU A 216 -17.83 -10.79 9.65
CA LEU A 216 -18.20 -9.67 10.53
C LEU A 216 -18.42 -10.14 11.96
N ILE A 217 -19.01 -11.32 12.14
CA ILE A 217 -19.12 -11.89 13.49
C ILE A 217 -17.75 -12.33 13.99
N GLU A 218 -16.97 -12.97 13.12
CA GLU A 218 -15.67 -13.52 13.50
C GLU A 218 -14.70 -12.45 13.98
N ILE A 219 -14.87 -11.20 13.55
CA ILE A 219 -14.00 -10.11 13.99
C ILE A 219 -14.68 -9.21 15.00
N GLY A 220 -15.90 -9.53 15.43
CA GLY A 220 -16.59 -8.72 16.39
C GLY A 220 -17.16 -7.43 15.86
N PHE A 221 -17.32 -7.30 14.54
CA PHE A 221 -17.96 -6.11 13.98
C PHE A 221 -19.47 -6.13 14.22
N SER A 222 -20.09 -7.30 14.06
CA SER A 222 -21.53 -7.43 14.26
C SER A 222 -21.85 -8.53 15.27
N THR A 229 -28.74 -17.54 14.94
CA THR A 229 -28.36 -18.71 14.16
C THR A 229 -27.37 -18.32 13.06
N MET A 230 -26.23 -19.00 13.03
CA MET A 230 -25.18 -18.66 12.08
C MET A 230 -25.60 -18.95 10.64
N SER A 231 -26.13 -20.16 10.40
CA SER A 231 -26.50 -20.53 9.04
C SER A 231 -27.73 -19.75 8.58
N ARG A 232 -28.66 -19.47 9.48
CA ARG A 232 -29.84 -18.69 9.11
C ARG A 232 -29.47 -17.24 8.83
N ALA A 233 -28.49 -16.69 9.55
CA ALA A 233 -28.06 -15.32 9.29
C ALA A 233 -27.39 -15.20 7.93
N ILE A 234 -26.56 -16.19 7.57
CA ILE A 234 -25.95 -16.20 6.24
C ILE A 234 -27.02 -16.19 5.16
N LYS A 235 -28.16 -16.84 5.42
CA LYS A 235 -29.24 -16.85 4.44
C LYS A 235 -30.13 -15.62 4.55
N LEU A 236 -30.28 -15.08 5.77
CA LEU A 236 -31.19 -13.95 5.96
C LEU A 236 -30.63 -12.66 5.37
N TYR A 237 -29.32 -12.46 5.46
CA TYR A 237 -28.68 -11.27 4.94
C TYR A 237 -27.95 -11.53 3.62
N ARG A 238 -28.40 -12.52 2.86
CA ARG A 238 -27.82 -12.77 1.55
C ARG A 238 -28.10 -11.59 0.62
N VAL A 239 -27.22 -11.42 -0.36
CA VAL A 239 -27.32 -10.34 -1.34
C VAL A 239 -27.75 -10.96 -2.66
N GLU A 240 -28.94 -10.58 -3.13
CA GLU A 240 -29.44 -11.05 -4.41
C GLU A 240 -28.42 -10.78 -5.51
N ASP A 241 -28.15 -11.79 -6.33
CA ASP A 241 -27.03 -11.78 -7.25
C ASP A 241 -27.36 -11.16 -8.60
N THR A 242 -28.40 -10.33 -8.68
CA THR A 242 -28.80 -9.72 -9.94
C THR A 242 -29.11 -8.23 -9.73
N LEU A 243 -28.55 -7.39 -10.59
CA LEU A 243 -28.82 -5.97 -10.55
C LEU A 243 -30.23 -5.66 -11.03
N ASN A 244 -30.80 -4.58 -10.50
CA ASN A 244 -32.05 -4.04 -11.01
C ASN A 244 -31.85 -3.10 -12.18
N ILE A 245 -30.68 -2.47 -12.26
CA ILE A 245 -30.28 -1.66 -13.41
C ILE A 245 -29.23 -2.46 -14.16
N LYS A 246 -29.61 -3.02 -15.30
CA LYS A 246 -28.79 -4.02 -15.97
C LYS A 246 -27.57 -3.42 -16.67
N ASN A 247 -27.58 -2.14 -16.99
CA ASN A 247 -26.55 -1.55 -17.85
C ASN A 247 -25.33 -1.06 -17.08
N MET A 248 -25.34 -1.12 -15.75
CA MET A 248 -24.32 -0.47 -14.94
C MET A 248 -22.91 -0.95 -15.29
N ARG A 249 -22.05 -0.02 -15.67
CA ARG A 249 -20.64 -0.29 -15.94
C ARG A 249 -19.78 0.75 -15.24
N LEU A 250 -18.50 0.43 -15.10
CA LEU A 250 -17.56 1.36 -14.47
C LEU A 250 -17.48 2.64 -15.28
N MET A 251 -17.44 3.76 -14.56
CA MET A 251 -17.36 5.07 -15.22
C MET A 251 -16.06 5.20 -16.01
N LYS A 252 -16.15 5.86 -17.16
CA LYS A 252 -15.00 6.16 -17.99
C LYS A 252 -15.00 7.65 -18.25
N LYS A 253 -13.88 8.17 -18.78
CA LYS A 253 -13.72 9.62 -18.81
C LYS A 253 -14.70 10.30 -19.75
N LYS A 254 -15.17 9.60 -20.79
CA LYS A 254 -16.16 10.19 -21.67
C LYS A 254 -17.49 10.43 -20.96
N ASP A 255 -17.72 9.80 -19.80
CA ASP A 255 -18.95 9.97 -19.06
C ASP A 255 -18.98 11.21 -18.18
N VAL A 256 -17.91 12.01 -18.16
CA VAL A 256 -17.79 13.08 -17.17
C VAL A 256 -18.91 14.11 -17.32
N GLU A 257 -19.18 14.52 -18.57
CA GLU A 257 -20.23 15.50 -18.80
C GLU A 257 -21.58 14.99 -18.32
N GLY A 258 -21.94 13.75 -18.68
CA GLY A 258 -23.19 13.19 -18.24
C GLY A 258 -23.30 13.09 -16.73
N VAL A 259 -22.24 12.62 -16.07
CA VAL A 259 -22.25 12.54 -14.62
C VAL A 259 -22.32 13.93 -14.00
N HIS A 260 -21.61 14.89 -14.59
CA HIS A 260 -21.71 16.28 -14.14
C HIS A 260 -23.14 16.77 -14.21
N LYS A 261 -23.82 16.55 -15.34
CA LYS A 261 -25.22 16.94 -15.49
C LYS A 261 -26.10 16.20 -14.48
N LEU A 262 -25.97 14.87 -14.43
CA LEU A 262 -26.84 14.07 -13.57
C LEU A 262 -26.68 14.45 -12.10
N LEU A 263 -25.45 14.39 -11.60
CA LEU A 263 -25.22 14.69 -10.18
C LEU A 263 -25.45 16.16 -9.87
N GLY A 264 -25.05 17.04 -10.79
CA GLY A 264 -25.13 18.46 -10.53
C GLY A 264 -26.55 18.95 -10.31
N SER A 265 -27.49 18.47 -11.12
CA SER A 265 -28.88 18.89 -10.95
C SER A 265 -29.52 18.18 -9.77
N TYR A 266 -29.09 16.95 -9.46
CA TYR A 266 -29.64 16.24 -8.32
C TYR A 266 -29.30 16.92 -7.00
N LEU A 267 -28.07 17.44 -6.87
CA LEU A 267 -27.63 17.93 -5.57
C LEU A 267 -28.27 19.25 -5.18
N GLU A 268 -28.80 20.01 -6.13
CA GLU A 268 -29.36 21.33 -5.84
C GLU A 268 -30.60 21.29 -4.95
N GLN A 269 -31.17 20.12 -4.70
CA GLN A 269 -32.36 20.00 -3.87
C GLN A 269 -32.05 20.01 -2.38
N PHE A 270 -30.78 20.05 -1.98
CA PHE A 270 -30.40 19.86 -0.59
C PHE A 270 -29.96 21.16 0.05
N ASN A 271 -29.96 21.16 1.39
CA ASN A 271 -29.56 22.33 2.16
C ASN A 271 -28.05 22.49 2.24
N LEU A 272 -27.29 21.45 1.89
CA LEU A 272 -25.84 21.50 1.99
C LEU A 272 -25.25 20.55 0.96
N TYR A 273 -24.51 21.08 0.00
CA TYR A 273 -23.88 20.25 -1.02
C TYR A 273 -22.73 21.03 -1.65
N ALA A 274 -21.84 20.30 -2.32
CA ALA A 274 -20.75 20.90 -3.06
C ALA A 274 -21.16 21.13 -4.51
N VAL A 275 -20.73 22.26 -5.07
CA VAL A 275 -20.97 22.60 -6.46
C VAL A 275 -19.78 22.13 -7.28
N PHE A 276 -19.97 21.05 -8.04
CA PHE A 276 -18.88 20.44 -8.79
C PHE A 276 -18.69 21.12 -10.15
N THR A 277 -17.44 21.29 -10.53
CA THR A 277 -17.10 21.55 -11.92
C THR A 277 -16.88 20.22 -12.64
N LYS A 278 -16.80 20.28 -13.97
CA LYS A 278 -16.49 19.07 -14.73
C LYS A 278 -15.15 18.49 -14.31
N GLU A 279 -14.17 19.35 -14.02
CA GLU A 279 -12.88 18.89 -13.56
C GLU A 279 -12.99 18.17 -12.22
N GLU A 280 -13.80 18.71 -11.31
CA GLU A 280 -14.01 18.05 -10.03
C GLU A 280 -14.79 16.75 -10.18
N ILE A 281 -15.72 16.69 -11.15
CA ILE A 281 -16.42 15.44 -11.42
C ILE A 281 -15.44 14.36 -11.84
N ALA A 282 -14.51 14.69 -12.74
CA ALA A 282 -13.51 13.72 -13.18
C ALA A 282 -12.65 13.24 -12.01
N HIS A 283 -12.18 14.17 -11.18
CA HIS A 283 -11.27 13.77 -10.10
C HIS A 283 -11.97 12.90 -9.07
N TRP A 284 -13.19 13.28 -8.67
CA TRP A 284 -13.83 12.63 -7.53
C TRP A 284 -14.52 11.32 -7.88
N PHE A 285 -14.81 11.05 -9.15
CA PHE A 285 -15.64 9.90 -9.49
C PHE A 285 -15.02 8.90 -10.44
N LEU A 286 -14.06 9.28 -11.26
CA LEU A 286 -13.44 8.32 -12.15
C LEU A 286 -12.77 7.21 -11.32
N PRO A 287 -12.92 5.95 -11.71
CA PRO A 287 -12.55 4.85 -10.82
C PRO A 287 -11.06 4.80 -10.53
N ILE A 288 -10.74 4.47 -9.28
CA ILE A 288 -9.38 4.14 -8.86
C ILE A 288 -9.49 2.90 -7.98
N GLU A 289 -8.79 1.83 -8.38
CA GLU A 289 -8.92 0.55 -7.69
C GLU A 289 -8.57 0.70 -6.21
N ASN A 290 -9.39 0.07 -5.36
CA ASN A 290 -9.25 0.12 -3.90
C ASN A 290 -9.39 1.52 -3.35
N VAL A 291 -9.91 2.46 -4.14
CA VAL A 291 -10.10 3.83 -3.65
C VAL A 291 -11.54 4.26 -3.87
N ILE A 292 -11.92 4.47 -5.12
CA ILE A 292 -13.23 5.02 -5.45
C ILE A 292 -13.82 4.24 -6.63
N TYR A 293 -15.06 3.79 -6.46
CA TYR A 293 -15.76 3.02 -7.49
C TYR A 293 -17.01 3.78 -7.89
N THR A 294 -17.13 4.10 -9.18
CA THR A 294 -18.32 4.75 -9.71
C THR A 294 -18.85 3.94 -10.89
N TYR A 295 -20.09 3.50 -10.79
CA TYR A 295 -20.77 2.79 -11.86
C TYR A 295 -21.86 3.68 -12.44
N VAL A 296 -22.05 3.60 -13.76
CA VAL A 296 -23.01 4.44 -14.47
C VAL A 296 -23.88 3.58 -15.38
N ASN A 297 -25.13 4.02 -15.55
CA ASN A 297 -26.04 3.45 -16.54
C ASN A 297 -25.98 4.37 -17.76
N GLU A 298 -25.20 3.97 -18.76
CA GLU A 298 -25.00 4.75 -19.97
C GLU A 298 -25.80 4.10 -21.10
N GLU A 299 -26.97 4.66 -21.38
CA GLU A 299 -27.82 4.20 -22.47
C GLU A 299 -27.58 5.10 -23.68
N ASN A 300 -26.87 4.57 -24.67
CA ASN A 300 -26.62 5.28 -25.93
C ASN A 300 -25.92 6.63 -25.70
N GLY A 301 -25.07 6.69 -24.69
CA GLY A 301 -24.33 7.91 -24.40
C GLY A 301 -24.99 8.87 -23.43
N LYS A 302 -26.11 8.48 -22.81
CA LYS A 302 -26.80 9.31 -21.85
C LYS A 302 -26.63 8.71 -20.46
N ILE A 303 -26.04 9.47 -19.54
CA ILE A 303 -25.85 9.00 -18.17
C ILE A 303 -27.15 9.25 -17.41
N LYS A 304 -27.84 8.17 -17.04
CA LYS A 304 -29.14 8.27 -16.40
C LYS A 304 -29.15 7.81 -14.95
N ASP A 305 -28.22 6.96 -14.56
CA ASP A 305 -28.09 6.51 -13.18
C ASP A 305 -26.62 6.42 -12.83
N MET A 306 -26.31 6.58 -11.53
CA MET A 306 -24.93 6.47 -11.09
C MET A 306 -24.88 5.89 -9.68
N ILE A 307 -23.90 5.02 -9.46
CA ILE A 307 -23.61 4.45 -8.15
C ILE A 307 -22.14 4.72 -7.84
N SER A 308 -21.86 5.19 -6.63
CA SER A 308 -20.48 5.47 -6.24
C SER A 308 -20.29 5.14 -4.77
N PHE A 309 -19.13 4.58 -4.45
CA PHE A 309 -18.72 4.31 -3.09
C PHE A 309 -17.21 4.21 -3.04
N TYR A 310 -16.63 4.63 -1.92
CA TYR A 310 -15.18 4.61 -1.78
C TYR A 310 -14.74 3.57 -0.77
N SER A 311 -13.47 3.17 -0.89
CA SER A 311 -12.90 2.08 -0.12
C SER A 311 -12.08 2.62 1.04
N LEU A 312 -12.48 2.30 2.26
CA LEU A 312 -11.74 2.66 3.47
C LEU A 312 -11.63 1.42 4.33
N PRO A 313 -10.54 0.66 4.20
CA PRO A 313 -10.36 -0.51 5.05
C PRO A 313 -9.93 -0.12 6.46
N SER A 314 -10.27 -0.98 7.41
CA SER A 314 -9.93 -0.77 8.81
C SER A 314 -9.00 -1.87 9.28
N GLN A 315 -7.86 -1.47 9.84
CA GLN A 315 -6.92 -2.43 10.38
C GLN A 315 -7.52 -3.11 11.61
N ILE A 316 -7.53 -4.43 11.60
CA ILE A 316 -8.07 -5.21 12.71
C ILE A 316 -6.93 -5.44 13.70
N LEU A 317 -7.02 -4.79 14.86
CA LEU A 317 -5.93 -4.80 15.83
C LEU A 317 -5.94 -6.12 16.59
N GLY A 318 -4.80 -6.82 16.56
CA GLY A 318 -4.61 -8.02 17.34
C GLY A 318 -5.58 -9.14 17.07
N ASN A 319 -5.71 -9.53 15.80
CA ASN A 319 -6.55 -10.65 15.40
C ASN A 319 -5.70 -11.69 14.70
N ASP A 320 -5.96 -12.97 15.01
CA ASP A 320 -5.14 -14.04 14.45
C ASP A 320 -5.45 -14.27 12.97
N LYS A 321 -6.74 -14.40 12.63
CA LYS A 321 -7.11 -14.77 11.27
C LYS A 321 -6.99 -13.59 10.31
N TYR A 322 -7.69 -12.50 10.59
CA TYR A 322 -7.84 -11.41 9.64
C TYR A 322 -7.02 -10.19 10.06
N SER A 323 -6.51 -9.48 9.07
CA SER A 323 -5.77 -8.24 9.27
C SER A 323 -6.57 -7.00 8.88
N THR A 324 -7.29 -7.05 7.76
CA THR A 324 -7.99 -5.89 7.23
C THR A 324 -9.48 -6.20 7.06
N LEU A 325 -10.32 -5.27 7.48
CA LEU A 325 -11.75 -5.28 7.18
C LEU A 325 -11.99 -4.38 5.98
N ASN A 326 -12.43 -4.97 4.88
CA ASN A 326 -12.68 -4.22 3.65
C ASN A 326 -14.09 -3.65 3.71
N ALA A 327 -14.18 -2.33 3.87
CA ALA A 327 -15.45 -1.65 4.05
C ALA A 327 -15.68 -0.67 2.90
N ALA A 328 -16.86 -0.71 2.31
CA ALA A 328 -17.27 0.24 1.29
C ALA A 328 -18.16 1.31 1.92
N TYR A 329 -17.98 2.55 1.49
CA TYR A 329 -18.68 3.70 2.04
C TYR A 329 -19.48 4.38 0.95
N SER A 330 -20.80 4.41 1.10
CA SER A 330 -21.69 5.04 0.13
C SER A 330 -21.27 6.48 -0.13
N PHE A 331 -21.20 6.85 -1.42
CA PHE A 331 -20.70 8.16 -1.82
C PHE A 331 -21.88 8.92 -2.42
N TYR A 332 -22.05 8.94 -3.74
CA TYR A 332 -23.19 9.61 -4.37
C TYR A 332 -23.89 8.64 -5.29
N ASN A 333 -25.21 8.53 -5.13
CA ASN A 333 -26.04 7.62 -5.92
C ASN A 333 -27.26 8.38 -6.41
N VAL A 334 -27.42 8.46 -7.72
CA VAL A 334 -28.54 9.14 -8.35
C VAL A 334 -29.21 8.18 -9.32
N THR A 335 -30.54 8.18 -9.33
CA THR A 335 -31.28 7.31 -10.24
C THR A 335 -32.43 8.07 -10.86
N THR A 336 -32.66 7.82 -12.15
CA THR A 336 -33.80 8.37 -12.88
C THR A 336 -34.63 7.30 -13.57
N THR A 337 -34.10 6.10 -13.78
CA THR A 337 -34.82 5.02 -14.45
C THR A 337 -35.29 3.94 -13.47
N ALA A 338 -35.15 4.18 -12.17
CA ALA A 338 -35.53 3.19 -11.16
C ALA A 338 -35.84 3.92 -9.86
N THR A 339 -36.26 3.14 -8.86
CA THR A 339 -36.46 3.67 -7.52
C THR A 339 -35.11 3.79 -6.81
N PHE A 340 -35.10 4.52 -5.70
CA PHE A 340 -33.87 4.66 -4.94
C PHE A 340 -33.53 3.36 -4.22
N LYS A 341 -34.54 2.64 -3.74
CA LYS A 341 -34.29 1.35 -3.09
C LYS A 341 -33.64 0.37 -4.06
N GLN A 342 -34.08 0.37 -5.33
CA GLN A 342 -33.43 -0.49 -6.32
C GLN A 342 -32.01 -0.02 -6.60
N LEU A 343 -31.80 1.30 -6.65
CA LEU A 343 -30.47 1.84 -6.89
C LEU A 343 -29.51 1.43 -5.79
N MET A 344 -29.92 1.60 -4.53
CA MET A 344 -29.06 1.22 -3.40
C MET A 344 -28.93 -0.29 -3.28
N GLN A 345 -29.91 -1.04 -3.77
CA GLN A 345 -29.80 -2.50 -3.79
C GLN A 345 -28.68 -2.94 -4.73
N ASP A 346 -28.59 -2.31 -5.90
CA ASP A 346 -27.48 -2.59 -6.82
C ASP A 346 -26.15 -2.16 -6.23
N ALA A 347 -26.14 -1.06 -5.47
CA ALA A 347 -24.89 -0.58 -4.87
C ALA A 347 -24.29 -1.64 -3.95
N ILE A 348 -25.13 -2.29 -3.14
CA ILE A 348 -24.63 -3.30 -2.23
C ILE A 348 -24.09 -4.51 -2.99
N LEU A 349 -24.79 -4.92 -4.04
CA LEU A 349 -24.32 -6.04 -4.85
C LEU A 349 -23.02 -5.69 -5.56
N LEU A 350 -22.91 -4.47 -6.10
CA LEU A 350 -21.67 -4.05 -6.75
C LEU A 350 -20.52 -3.98 -5.76
N ALA A 351 -20.81 -3.64 -4.50
CA ALA A 351 -19.77 -3.70 -3.48
C ALA A 351 -19.39 -5.14 -3.15
N LYS A 352 -20.39 -6.03 -3.09
CA LYS A 352 -20.11 -7.45 -2.90
C LYS A 352 -19.23 -7.98 -4.03
N ARG A 353 -19.59 -7.66 -5.27
CA ARG A 353 -18.81 -8.13 -6.41
CA ARG A 353 -18.81 -8.11 -6.42
C ARG A 353 -17.38 -7.60 -6.39
N ASN A 354 -17.11 -6.55 -5.60
CA ASN A 354 -15.76 -6.04 -5.42
C ASN A 354 -15.13 -6.51 -4.11
N ASN A 355 -15.64 -7.61 -3.55
CA ASN A 355 -15.04 -8.28 -2.40
C ASN A 355 -15.02 -7.40 -1.15
N PHE A 356 -16.07 -6.62 -0.94
CA PHE A 356 -16.21 -5.82 0.28
C PHE A 356 -16.98 -6.62 1.33
N ASP A 357 -16.60 -6.41 2.60
CA ASP A 357 -17.22 -7.13 3.70
C ASP A 357 -18.48 -6.46 4.22
N VAL A 358 -18.57 -5.13 4.08
CA VAL A 358 -19.69 -4.38 4.63
C VAL A 358 -19.87 -3.12 3.78
N PHE A 359 -21.13 -2.70 3.64
CA PHE A 359 -21.50 -1.50 2.90
C PHE A 359 -22.03 -0.48 3.90
N ASN A 360 -21.33 0.63 4.06
CA ASN A 360 -21.68 1.65 5.03
C ASN A 360 -22.37 2.83 4.36
N ALA A 361 -23.29 3.45 5.09
CA ALA A 361 -24.02 4.60 4.57
C ALA A 361 -24.48 5.47 5.74
N LEU A 362 -24.56 6.76 5.48
CA LEU A 362 -25.11 7.73 6.41
C LEU A 362 -26.58 8.00 6.06
N GLU A 363 -27.33 8.49 7.04
CA GLU A 363 -28.74 8.82 6.80
C GLU A 363 -28.86 10.19 6.16
N VAL A 364 -28.11 10.44 5.09
CA VAL A 364 -28.18 11.69 4.36
C VAL A 364 -28.90 11.47 3.03
N MET A 365 -29.23 12.57 2.36
CA MET A 365 -29.94 12.55 1.09
C MET A 365 -31.19 11.68 1.21
N GLN A 366 -31.28 10.61 0.42
CA GLN A 366 -32.45 9.73 0.44
C GLN A 366 -32.15 8.38 1.09
N ASN A 367 -31.02 8.26 1.79
CA ASN A 367 -30.56 6.95 2.24
C ASN A 367 -31.42 6.38 3.35
N LYS A 368 -31.98 7.22 4.22
CA LYS A 368 -32.75 6.71 5.35
C LYS A 368 -33.97 5.92 4.90
N SER A 369 -34.50 6.23 3.72
CA SER A 369 -35.73 5.59 3.25
C SER A 369 -35.54 4.12 2.87
N VAL A 370 -34.30 3.70 2.62
CA VAL A 370 -34.03 2.35 2.11
C VAL A 370 -33.45 1.43 3.16
N PHE A 371 -33.19 1.93 4.38
CA PHE A 371 -32.37 1.17 5.33
C PHE A 371 -33.10 -0.09 5.83
N GLU A 372 -34.40 0.01 6.12
CA GLU A 372 -35.08 -1.14 6.69
C GLU A 372 -35.38 -2.19 5.63
N ASP A 373 -35.80 -1.78 4.43
CA ASP A 373 -36.12 -2.75 3.39
C ASP A 373 -34.87 -3.46 2.87
N LEU A 374 -33.71 -2.81 2.95
CA LEU A 374 -32.46 -3.42 2.51
C LEU A 374 -31.65 -3.98 3.68
N LYS A 375 -32.28 -4.15 4.85
CA LYS A 375 -31.70 -4.90 5.96
C LYS A 375 -30.43 -4.25 6.50
N PHE A 376 -30.41 -2.92 6.52
CA PHE A 376 -29.30 -2.21 7.15
C PHE A 376 -29.42 -2.30 8.66
N GLY A 377 -28.28 -2.48 9.32
CA GLY A 377 -28.21 -2.46 10.78
C GLY A 377 -27.78 -1.10 11.27
N GLU A 378 -28.40 -0.64 12.35
CA GLU A 378 -28.10 0.69 12.87
C GLU A 378 -26.73 0.71 13.52
N GLY A 379 -26.00 1.80 13.31
CA GLY A 379 -24.65 1.94 13.82
C GLY A 379 -24.60 2.28 15.29
N ASP A 380 -23.38 2.43 15.78
CA ASP A 380 -23.12 2.70 17.19
C ASP A 380 -22.97 4.19 17.50
N GLY A 381 -23.08 5.05 16.50
CA GLY A 381 -22.94 6.47 16.73
C GLY A 381 -23.46 7.26 15.55
N SER A 382 -23.00 8.52 15.45
CA SER A 382 -23.41 9.39 14.36
C SER A 382 -22.24 10.27 13.95
N LEU A 383 -22.33 10.77 12.71
CA LEU A 383 -21.36 11.69 12.15
C LEU A 383 -21.96 13.09 12.10
N LYS A 384 -21.27 14.05 12.70
CA LYS A 384 -21.76 15.41 12.81
C LYS A 384 -21.15 16.28 11.71
N TYR A 385 -21.98 17.10 11.09
CA TYR A 385 -21.55 18.04 10.06
C TYR A 385 -21.40 19.42 10.66
N TYR A 386 -20.31 20.11 10.32
CA TYR A 386 -20.02 21.41 10.90
C TYR A 386 -19.65 22.42 9.82
N LEU A 387 -20.01 23.68 10.06
CA LEU A 387 -19.52 24.81 9.29
C LEU A 387 -18.71 25.72 10.21
N TYR A 388 -17.62 26.25 9.69
CA TYR A 388 -16.79 27.20 10.41
C TYR A 388 -17.09 28.61 9.94
N ASN A 389 -17.37 29.51 10.88
CA ASN A 389 -17.69 30.91 10.58
C ASN A 389 -18.90 31.03 9.67
N TRP A 390 -19.96 30.29 10.00
CA TRP A 390 -21.22 30.42 9.27
C TRP A 390 -22.38 30.17 10.22
N LYS A 391 -23.31 31.12 10.25
CA LYS A 391 -24.47 31.09 11.14
C LYS A 391 -25.71 30.78 10.32
N CYS A 392 -26.38 29.67 10.65
CA CYS A 392 -27.62 29.30 9.98
C CYS A 392 -28.33 28.27 10.84
N ALA A 393 -29.62 28.07 10.55
CA ALA A 393 -30.39 27.05 11.23
C ALA A 393 -29.87 25.67 10.88
N SER A 394 -30.00 24.74 11.82
CA SER A 394 -29.64 23.35 11.58
C SER A 394 -30.77 22.65 10.83
N PHE A 395 -30.55 21.41 10.43
CA PHE A 395 -31.56 20.68 9.69
C PHE A 395 -31.31 19.18 9.82
N ALA A 396 -32.36 18.40 9.56
CA ALA A 396 -32.27 16.96 9.62
C ALA A 396 -31.34 16.44 8.53
N PRO A 397 -30.68 15.30 8.75
CA PRO A 397 -29.65 14.84 7.80
C PRO A 397 -30.18 14.49 6.42
N ALA A 398 -31.48 14.28 6.26
CA ALA A 398 -32.03 14.04 4.93
C ALA A 398 -31.79 15.22 4.00
N HIS A 399 -31.62 16.42 4.54
CA HIS A 399 -31.34 17.61 3.76
C HIS A 399 -29.85 17.82 3.52
N VAL A 400 -29.01 16.87 3.92
CA VAL A 400 -27.57 16.92 3.66
C VAL A 400 -27.28 16.22 2.35
N GLY A 401 -26.58 16.91 1.44
CA GLY A 401 -26.25 16.34 0.15
C GLY A 401 -24.76 16.30 -0.13
N ILE A 402 -23.95 16.08 0.90
CA ILE A 402 -22.50 16.03 0.76
C ILE A 402 -21.95 14.93 1.65
N VAL A 403 -21.01 14.16 1.11
CA VAL A 403 -20.36 13.08 1.85
C VAL A 403 -18.86 13.34 1.86
N LEU A 404 -18.30 13.51 3.05
CA LEU A 404 -16.87 13.75 3.18
C LEU A 404 -16.12 12.42 3.29
N LEU A 405 -14.81 12.50 3.11
CA LEU A 405 -13.97 11.30 3.09
C LEU A 405 -13.54 10.90 4.49
N ASP B 22 3.67 -21.69 -23.02
CA ASP B 22 3.94 -21.14 -21.70
C ASP B 22 2.79 -20.26 -21.23
N TYR B 23 2.57 -19.16 -21.95
CA TYR B 23 1.55 -18.20 -21.56
C TYR B 23 0.18 -18.85 -21.40
N LYS B 24 -0.15 -19.80 -22.28
CA LYS B 24 -1.43 -20.48 -22.18
C LYS B 24 -1.57 -21.21 -20.83
N PHE B 25 -0.46 -21.69 -20.28
CA PHE B 25 -0.46 -22.26 -18.94
C PHE B 25 -0.28 -21.21 -17.85
N TRP B 26 0.32 -20.06 -18.18
CA TRP B 26 0.47 -18.98 -17.22
C TRP B 26 -0.77 -18.08 -17.12
N TYR B 27 -1.55 -17.99 -18.20
CA TYR B 27 -2.80 -17.23 -18.14
C TYR B 27 -3.82 -17.86 -17.21
N THR B 28 -3.58 -19.08 -16.74
CA THR B 28 -4.43 -19.73 -15.75
C THR B 28 -4.02 -19.39 -14.33
N GLN B 29 -2.70 -19.33 -14.07
CA GLN B 29 -2.19 -19.20 -12.72
C GLN B 29 -2.56 -17.85 -12.11
N PRO B 30 -2.60 -17.76 -10.77
CA PRO B 30 -2.95 -16.48 -10.13
C PRO B 30 -1.85 -15.43 -10.24
N VAL B 31 -1.47 -15.09 -11.46
CA VAL B 31 -0.48 -14.05 -11.70
C VAL B 31 -1.13 -13.00 -12.59
N PRO B 32 -0.66 -11.75 -12.54
CA PRO B 32 -1.26 -10.71 -13.37
C PRO B 32 -1.03 -10.96 -14.85
N LYS B 33 -1.98 -10.48 -15.66
CA LYS B 33 -1.80 -10.52 -17.10
C LYS B 33 -0.63 -9.64 -17.51
N ILE B 34 -0.09 -9.89 -18.71
CA ILE B 34 1.11 -9.21 -19.16
C ILE B 34 0.93 -7.70 -19.25
N ASN B 35 -0.31 -7.21 -19.23
CA ASN B 35 -0.58 -5.78 -19.31
C ASN B 35 -1.29 -5.24 -18.08
N ASP B 36 -1.43 -6.05 -17.03
CA ASP B 36 -2.04 -5.57 -15.80
C ASP B 36 -1.12 -4.57 -15.09
N GLU B 37 -1.73 -3.57 -14.46
CA GLU B 37 -1.01 -2.59 -13.66
C GLU B 37 -1.90 -2.16 -12.50
N PHE B 38 -1.37 -2.25 -11.28
CA PHE B 38 -2.10 -1.93 -10.07
C PHE B 38 -1.48 -0.73 -9.39
N ASN B 39 -2.32 0.10 -8.76
CA ASN B 39 -1.81 1.28 -8.08
C ASN B 39 -1.10 0.88 -6.78
N GLU B 40 -0.47 1.88 -6.15
CA GLU B 40 0.34 1.61 -4.96
C GLU B 40 -0.48 1.15 -3.77
N SER B 41 -1.80 1.28 -3.81
CA SER B 41 -2.66 0.85 -2.70
C SER B 41 -3.12 -0.59 -2.83
N VAL B 42 -2.69 -1.30 -3.87
CA VAL B 42 -3.04 -2.70 -4.06
C VAL B 42 -1.87 -3.54 -3.57
N ASN B 43 -2.14 -4.43 -2.62
CA ASN B 43 -1.13 -5.31 -2.06
C ASN B 43 -1.81 -6.50 -1.39
N GLU B 44 -2.21 -7.47 -2.20
CA GLU B 44 -3.09 -8.55 -1.74
C GLU B 44 -2.96 -9.72 -2.69
N PRO B 45 -3.32 -10.92 -2.25
CA PRO B 45 -3.29 -12.08 -3.16
C PRO B 45 -4.35 -11.98 -4.23
N PHE B 46 -4.14 -12.74 -5.31
CA PHE B 46 -5.20 -12.93 -6.29
C PHE B 46 -6.28 -13.86 -5.75
N ILE B 47 -5.86 -14.96 -5.11
CA ILE B 47 -6.77 -15.93 -4.54
C ILE B 47 -6.54 -15.93 -3.03
N SER B 48 -7.50 -15.39 -2.28
CA SER B 48 -7.44 -15.36 -0.83
C SER B 48 -8.33 -16.46 -0.25
N ASP B 49 -8.36 -16.52 1.09
CA ASP B 49 -9.21 -17.45 1.82
C ASP B 49 -8.96 -18.90 1.39
N ASN B 50 -7.69 -19.27 1.32
CA ASN B 50 -7.30 -20.62 0.97
C ASN B 50 -7.29 -21.51 2.21
N LYS B 51 -7.51 -22.81 1.97
CA LYS B 51 -7.55 -23.80 3.06
C LYS B 51 -6.81 -25.05 2.61
N VAL B 52 -5.95 -25.58 3.48
CA VAL B 52 -5.13 -26.72 3.13
C VAL B 52 -5.99 -27.97 2.92
N GLU B 53 -7.12 -28.07 3.62
CA GLU B 53 -8.01 -29.22 3.45
C GLU B 53 -8.57 -29.31 2.04
N ASP B 54 -8.58 -28.21 1.31
CA ASP B 54 -9.07 -28.19 -0.07
C ASP B 54 -7.96 -28.37 -1.10
N VAL B 55 -6.74 -28.65 -0.66
CA VAL B 55 -5.63 -28.89 -1.59
C VAL B 55 -5.68 -30.36 -2.03
N ARG B 56 -5.26 -30.60 -3.27
CA ARG B 56 -5.25 -31.95 -3.82
C ARG B 56 -4.34 -32.85 -3.01
N LYS B 57 -4.89 -33.93 -2.46
CA LYS B 57 -4.10 -34.85 -1.65
C LYS B 57 -3.26 -35.78 -2.50
N ASP B 58 -3.78 -36.22 -3.65
CA ASP B 58 -3.05 -37.13 -4.50
C ASP B 58 -1.91 -36.41 -5.21
N GLU B 59 -0.83 -37.13 -5.48
CA GLU B 59 0.39 -36.56 -6.03
C GLU B 59 0.19 -36.21 -7.50
N TYR B 60 1.30 -35.94 -8.19
CA TYR B 60 1.29 -35.54 -9.58
C TYR B 60 0.65 -36.60 -10.48
N CYS B 71 11.00 -37.25 -4.96
CA CYS B 71 11.70 -36.39 -4.01
C CYS B 71 13.19 -36.73 -3.96
N ASP B 72 14.02 -35.70 -3.78
CA ASP B 72 15.47 -35.84 -3.81
C ASP B 72 16.06 -35.42 -2.48
N VAL B 73 16.81 -36.31 -1.84
CA VAL B 73 17.52 -36.01 -0.61
C VAL B 73 18.86 -35.42 -1.01
N LYS B 74 18.96 -34.09 -0.97
CA LYS B 74 20.19 -33.41 -1.38
C LYS B 74 21.35 -33.64 -0.43
N ASP B 75 21.14 -34.43 0.62
CA ASP B 75 22.20 -34.65 1.62
C ASP B 75 23.26 -35.61 1.11
N GLU B 76 22.86 -36.80 0.66
CA GLU B 76 23.82 -37.83 0.27
C GLU B 76 24.28 -37.67 -1.17
N LYS B 77 24.61 -38.78 -1.82
CA LYS B 77 25.07 -38.77 -3.21
C LYS B 77 23.94 -38.50 -4.19
N ASP B 78 22.71 -38.30 -3.73
CA ASP B 78 21.65 -37.84 -4.61
C ASP B 78 21.90 -36.41 -5.09
N ARG B 79 22.79 -35.67 -4.41
CA ARG B 79 23.25 -34.41 -4.94
C ARG B 79 23.94 -34.60 -6.28
N SER B 80 24.71 -35.69 -6.42
CA SER B 80 25.34 -35.99 -7.70
C SER B 80 24.30 -36.44 -8.74
N GLU B 81 23.25 -37.13 -8.30
CA GLU B 81 22.22 -37.58 -9.24
C GLU B 81 21.47 -36.40 -9.85
N ILE B 82 21.41 -35.28 -9.15
CA ILE B 82 20.75 -34.08 -9.67
C ILE B 82 21.73 -33.05 -10.20
N TYR B 83 22.99 -33.07 -9.73
CA TYR B 83 23.98 -32.14 -10.25
C TYR B 83 24.33 -32.44 -11.71
N THR B 84 24.31 -33.70 -12.10
CA THR B 84 24.55 -34.05 -13.50
C THR B 84 23.37 -33.66 -14.39
N LEU B 85 22.20 -33.42 -13.80
CA LEU B 85 21.03 -33.06 -14.59
C LEU B 85 21.07 -31.61 -15.04
N LEU B 86 21.35 -30.69 -14.11
CA LEU B 86 21.35 -29.27 -14.44
C LEU B 86 22.64 -28.84 -15.15
N THR B 87 23.73 -29.58 -14.95
CA THR B 87 25.02 -29.15 -15.51
C THR B 87 24.97 -29.10 -17.03
N ASP B 88 24.14 -29.92 -17.66
CA ASP B 88 24.05 -30.00 -19.12
C ASP B 88 22.80 -29.38 -19.69
N ASN B 89 21.65 -29.55 -19.05
CA ASN B 89 20.36 -29.14 -19.61
C ASN B 89 19.87 -27.81 -19.06
N TYR B 90 20.63 -27.14 -18.22
CA TYR B 90 20.20 -25.85 -17.66
C TYR B 90 21.10 -24.71 -18.15
N ARG B 99 25.34 -22.21 -21.10
CA ARG B 99 24.57 -22.93 -20.11
C ARG B 99 25.18 -22.80 -18.72
N PHE B 100 24.35 -22.46 -17.74
CA PHE B 100 24.81 -22.32 -16.37
C PHE B 100 25.25 -23.68 -15.82
N ASN B 101 26.20 -23.63 -14.85
CA ASN B 101 26.78 -24.84 -14.28
C ASN B 101 26.99 -24.62 -12.78
N TYR B 102 25.90 -24.79 -12.01
CA TYR B 102 26.02 -24.72 -10.56
C TYR B 102 26.68 -25.98 -10.02
N SER B 103 27.57 -25.81 -9.04
CA SER B 103 28.35 -26.92 -8.55
C SER B 103 27.59 -27.72 -7.50
N ALA B 104 28.17 -28.86 -7.11
CA ALA B 104 27.56 -29.70 -6.08
C ALA B 104 27.64 -29.06 -4.71
N GLU B 105 28.69 -28.28 -4.44
CA GLU B 105 28.79 -27.55 -3.18
C GLU B 105 27.80 -26.40 -3.13
N PHE B 106 27.52 -25.79 -4.28
CA PHE B 106 26.58 -24.67 -4.33
C PHE B 106 25.15 -25.13 -4.09
N LEU B 107 24.75 -26.22 -4.77
CA LEU B 107 23.35 -26.64 -4.75
C LEU B 107 22.91 -27.07 -3.35
N LEU B 108 23.76 -27.82 -2.64
CA LEU B 108 23.40 -28.23 -1.28
C LEU B 108 23.21 -27.03 -0.37
N TRP B 109 24.06 -26.01 -0.51
CA TRP B 109 23.91 -24.79 0.26
C TRP B 109 22.64 -24.05 -0.11
N ALA B 110 22.24 -24.09 -1.39
CA ALA B 110 21.12 -23.30 -1.89
C ALA B 110 19.76 -23.97 -1.69
N LEU B 111 19.73 -25.25 -1.30
CA LEU B 111 18.47 -25.97 -1.19
C LEU B 111 18.23 -26.56 0.20
N THR B 112 19.00 -26.15 1.21
CA THR B 112 18.90 -26.73 2.54
C THR B 112 18.94 -25.62 3.61
N SER B 113 18.30 -24.49 3.33
CA SER B 113 18.26 -23.38 4.25
C SER B 113 17.40 -23.73 5.46
N PRO B 114 17.45 -22.93 6.53
CA PRO B 114 16.65 -23.23 7.73
C PRO B 114 15.18 -23.52 7.41
N ASN B 115 14.69 -24.62 7.98
CA ASN B 115 13.30 -25.07 7.88
C ASN B 115 12.89 -25.47 6.48
N TYR B 116 13.86 -25.82 5.62
CA TYR B 116 13.52 -26.31 4.30
C TYR B 116 12.83 -27.67 4.39
N LEU B 117 12.06 -27.98 3.34
CA LEU B 117 11.40 -29.27 3.22
C LEU B 117 11.92 -29.99 1.98
N LYS B 118 12.13 -31.31 2.12
CA LYS B 118 12.55 -32.10 0.96
C LYS B 118 11.38 -32.38 0.03
N THR B 119 10.15 -32.39 0.54
CA THR B 119 8.98 -32.54 -0.32
C THR B 119 8.80 -31.35 -1.26
N TRP B 120 9.55 -30.27 -1.06
CA TRP B 120 9.59 -29.15 -1.99
C TRP B 120 10.66 -29.31 -3.05
N HIS B 121 11.39 -30.42 -3.05
CA HIS B 121 12.41 -30.69 -4.05
C HIS B 121 11.90 -31.73 -5.04
N ILE B 122 10.74 -31.48 -5.63
CA ILE B 122 10.10 -32.44 -6.51
C ILE B 122 10.87 -32.58 -7.82
N ILE B 136 10.96 -28.84 -9.73
CA ILE B 136 11.71 -27.63 -9.38
C ILE B 136 12.17 -27.71 -7.94
N SER B 137 12.73 -26.61 -7.44
CA SER B 137 13.19 -26.50 -6.07
C SER B 137 12.47 -25.35 -5.38
N ALA B 138 12.46 -25.41 -4.05
CA ALA B 138 11.79 -24.37 -3.26
C ALA B 138 12.32 -24.39 -1.84
N ILE B 139 12.56 -23.20 -1.30
CA ILE B 139 12.99 -23.03 0.09
C ILE B 139 12.06 -22.01 0.74
N PRO B 140 11.74 -22.16 2.03
CA PRO B 140 10.86 -21.19 2.69
C PRO B 140 11.64 -20.00 3.22
N THR B 141 11.06 -18.81 3.05
CA THR B 141 11.63 -17.60 3.59
C THR B 141 10.50 -16.58 3.77
N ASP B 142 10.78 -15.57 4.58
CA ASP B 142 9.82 -14.50 4.88
C ASP B 142 10.12 -13.31 3.99
N ILE B 143 9.16 -12.98 3.12
CA ILE B 143 9.32 -11.91 2.13
C ILE B 143 8.43 -10.74 2.54
N CYS B 144 9.00 -9.54 2.53
CA CYS B 144 8.28 -8.31 2.81
C CYS B 144 8.08 -7.55 1.51
N ILE B 145 6.82 -7.40 1.10
CA ILE B 145 6.48 -6.74 -0.16
C ILE B 145 5.55 -5.58 0.16
N HIS B 146 5.99 -4.36 -0.15
CA HIS B 146 5.27 -3.13 0.17
C HIS B 146 4.88 -3.10 1.65
N LYS B 147 5.89 -3.31 2.51
CA LYS B 147 5.80 -3.23 3.96
C LYS B 147 4.93 -4.32 4.59
N ARG B 148 4.60 -5.37 3.84
CA ARG B 148 3.78 -6.46 4.36
C ARG B 148 4.59 -7.75 4.30
N THR B 149 4.75 -8.40 5.45
CA THR B 149 5.57 -9.61 5.56
C THR B 149 4.70 -10.84 5.30
N ILE B 150 5.05 -11.61 4.29
CA ILE B 150 4.32 -12.81 3.89
C ILE B 150 5.30 -13.97 3.83
N LYS B 151 4.88 -15.13 4.34
CA LYS B 151 5.68 -16.34 4.23
C LYS B 151 5.49 -16.93 2.84
N MET B 152 6.57 -17.03 2.07
CA MET B 152 6.52 -17.50 0.69
C MET B 152 7.63 -18.52 0.47
N ALA B 153 7.72 -19.00 -0.76
CA ALA B 153 8.72 -20.01 -1.14
C ALA B 153 9.52 -19.49 -2.32
N GLU B 154 10.85 -19.50 -2.18
CA GLU B 154 11.75 -19.14 -3.27
C GLU B 154 11.86 -20.34 -4.20
N VAL B 155 11.16 -20.29 -5.33
CA VAL B 155 11.24 -21.35 -6.34
C VAL B 155 12.44 -21.08 -7.24
N ASN B 156 13.18 -22.14 -7.56
CA ASN B 156 14.36 -22.01 -8.39
C ASN B 156 14.75 -23.38 -8.93
N PHE B 157 15.73 -23.39 -9.83
CA PHE B 157 16.36 -24.60 -10.35
C PHE B 157 15.33 -25.50 -11.06
N LEU B 158 14.61 -24.92 -12.01
CA LEU B 158 13.72 -25.70 -12.86
C LEU B 158 14.42 -26.04 -14.18
N LEU B 169 4.68 -30.31 -19.76
CA LEU B 169 5.90 -30.82 -19.16
C LEU B 169 6.28 -30.02 -17.92
N ALA B 170 6.86 -28.84 -18.15
CA ALA B 170 7.20 -27.96 -17.04
C ALA B 170 5.98 -27.51 -16.24
N PRO B 171 4.83 -27.16 -16.85
CA PRO B 171 3.65 -26.80 -16.04
C PRO B 171 3.16 -27.92 -15.13
N VAL B 172 3.65 -29.15 -15.30
CA VAL B 172 3.36 -30.23 -14.36
C VAL B 172 4.33 -30.19 -13.18
N LEU B 173 5.61 -29.92 -13.44
CA LEU B 173 6.57 -29.80 -12.36
C LEU B 173 6.29 -28.56 -11.51
N ILE B 174 5.92 -27.46 -12.15
CA ILE B 174 5.55 -26.26 -11.40
C ILE B 174 4.23 -26.43 -10.66
N LYS B 175 3.38 -27.35 -11.13
CA LYS B 175 2.10 -27.58 -10.46
C LYS B 175 2.26 -28.47 -9.23
N GLU B 176 3.11 -29.49 -9.32
CA GLU B 176 3.30 -30.39 -8.19
C GLU B 176 3.98 -29.68 -7.03
N ILE B 177 4.99 -28.85 -7.32
CA ILE B 177 5.66 -28.12 -6.24
C ILE B 177 4.73 -27.07 -5.66
N THR B 178 3.83 -26.49 -6.47
CA THR B 178 2.83 -25.59 -5.95
C THR B 178 1.88 -26.33 -5.01
N ARG B 179 1.42 -27.51 -5.41
CA ARG B 179 0.58 -28.32 -4.56
C ARG B 179 1.29 -28.70 -3.26
N ARG B 180 2.58 -29.04 -3.36
CA ARG B 180 3.34 -29.38 -2.16
C ARG B 180 3.50 -28.17 -1.25
N ILE B 181 3.77 -26.99 -1.82
CA ILE B 181 3.89 -25.79 -1.02
C ILE B 181 2.53 -25.40 -0.44
N ASN B 182 1.47 -25.49 -1.25
CA ASN B 182 0.12 -25.21 -0.74
C ASN B 182 -0.25 -26.17 0.38
N LEU B 183 0.25 -27.40 0.33
CA LEU B 183 0.02 -28.34 1.42
C LEU B 183 0.65 -27.88 2.73
N GLU B 184 1.58 -26.92 2.66
CA GLU B 184 2.17 -26.33 3.85
C GLU B 184 1.54 -25.00 4.22
N ASN B 185 0.36 -24.70 3.66
CA ASN B 185 -0.38 -23.47 3.97
C ASN B 185 0.40 -22.23 3.55
N ILE B 186 1.09 -22.31 2.42
CA ILE B 186 1.81 -21.18 1.85
C ILE B 186 1.29 -20.96 0.43
N TRP B 187 0.81 -19.75 0.16
CA TRP B 187 0.07 -19.47 -1.06
C TRP B 187 0.75 -18.44 -1.95
N GLN B 188 1.91 -17.92 -1.55
CA GLN B 188 2.68 -16.99 -2.37
C GLN B 188 4.06 -17.57 -2.61
N ALA B 189 4.75 -17.00 -3.61
CA ALA B 189 6.10 -17.43 -3.94
C ALA B 189 6.80 -16.30 -4.67
N ILE B 190 8.12 -16.33 -4.63
CA ILE B 190 8.97 -15.40 -5.36
C ILE B 190 9.94 -16.22 -6.21
N TYR B 191 10.25 -15.71 -7.40
CA TYR B 191 11.15 -16.41 -8.31
C TYR B 191 11.66 -15.41 -9.34
N THR B 192 12.86 -15.69 -9.85
CA THR B 192 13.51 -14.83 -10.83
C THR B 192 13.85 -15.64 -12.07
N ALA B 193 13.89 -14.95 -13.20
CA ALA B 193 14.21 -15.57 -14.48
C ALA B 193 14.58 -14.48 -15.47
N GLY B 194 15.17 -14.89 -16.59
CA GLY B 194 15.49 -13.96 -17.65
C GLY B 194 14.38 -13.86 -18.67
N VAL B 195 13.51 -14.88 -18.70
CA VAL B 195 12.38 -14.89 -19.62
C VAL B 195 11.29 -13.97 -19.09
N TYR B 196 10.77 -13.11 -19.95
CA TYR B 196 9.64 -12.27 -19.57
C TYR B 196 8.38 -13.12 -19.49
N LEU B 197 8.06 -13.61 -18.31
CA LEU B 197 6.81 -14.29 -18.05
C LEU B 197 5.76 -13.28 -17.62
N PRO B 198 4.47 -13.68 -17.55
CA PRO B 198 3.45 -12.75 -17.08
C PRO B 198 3.76 -12.08 -15.75
N LYS B 199 4.00 -10.77 -15.82
CA LYS B 199 4.00 -9.81 -14.72
C LYS B 199 5.25 -9.86 -13.84
N PRO B 200 6.34 -9.22 -14.26
CA PRO B 200 7.41 -8.92 -13.32
C PRO B 200 6.98 -7.82 -12.35
N VAL B 201 7.26 -8.04 -11.06
CA VAL B 201 7.05 -6.99 -10.08
C VAL B 201 8.13 -5.91 -10.21
N SER B 202 9.21 -6.22 -10.93
CA SER B 202 10.34 -5.34 -11.17
C SER B 202 11.27 -6.08 -12.13
N ASP B 203 12.21 -5.34 -12.70
CA ASP B 203 13.13 -5.94 -13.65
C ASP B 203 14.48 -5.22 -13.57
N ALA B 204 15.54 -5.99 -13.39
CA ALA B 204 16.89 -5.46 -13.27
C ALA B 204 17.78 -6.05 -14.35
N ARG B 205 18.26 -5.19 -15.26
CA ARG B 205 19.21 -5.64 -16.26
C ARG B 205 20.52 -6.03 -15.60
N TYR B 206 21.09 -7.15 -16.04
CA TYR B 206 22.34 -7.64 -15.49
C TYR B 206 23.51 -6.80 -16.01
N TYR B 207 24.39 -6.39 -15.10
CA TYR B 207 25.61 -5.68 -15.44
C TYR B 207 26.82 -6.54 -15.08
N HIS B 208 27.89 -6.39 -15.85
CA HIS B 208 29.05 -7.25 -15.73
C HIS B 208 30.32 -6.42 -15.61
N ARG B 209 31.33 -7.00 -14.98
CA ARG B 209 32.59 -6.32 -14.74
C ARG B 209 33.77 -7.30 -14.82
N LYS B 214 39.78 -9.14 -20.38
CA LYS B 214 41.02 -9.88 -20.62
C LYS B 214 40.73 -11.23 -21.28
N LYS B 215 40.54 -12.26 -20.45
CA LYS B 215 40.25 -13.59 -20.98
C LYS B 215 38.85 -13.69 -21.56
N LEU B 216 37.96 -12.74 -21.24
CA LEU B 216 36.62 -12.74 -21.81
C LEU B 216 36.62 -12.42 -23.30
N ILE B 217 37.76 -11.99 -23.85
CA ILE B 217 37.84 -11.77 -25.29
C ILE B 217 37.88 -13.11 -26.02
N GLU B 218 38.49 -14.13 -25.43
CA GLU B 218 38.54 -15.46 -26.03
C GLU B 218 37.18 -16.13 -25.99
N TYR B 237 40.88 -1.97 -17.31
CA TYR B 237 40.18 -2.81 -16.34
C TYR B 237 41.06 -3.10 -15.14
N ARG B 238 42.14 -2.31 -14.99
CA ARG B 238 43.04 -2.50 -13.86
C ARG B 238 42.32 -2.19 -12.55
N VAL B 239 42.44 -3.09 -11.59
CA VAL B 239 41.83 -2.94 -10.26
C VAL B 239 42.96 -2.81 -9.25
N GLU B 240 43.03 -1.64 -8.61
CA GLU B 240 44.07 -1.41 -7.61
C GLU B 240 43.91 -2.38 -6.44
N ASP B 241 45.04 -2.86 -5.93
CA ASP B 241 45.05 -3.85 -4.86
C ASP B 241 44.89 -3.24 -3.48
N THR B 242 44.62 -1.94 -3.39
CA THR B 242 44.37 -1.30 -2.10
C THR B 242 42.88 -1.32 -1.79
N LEU B 243 42.56 -1.30 -0.50
CA LEU B 243 41.19 -1.34 -0.02
C LEU B 243 40.81 -0.03 0.64
N ASN B 244 39.52 0.30 0.58
CA ASN B 244 39.02 1.52 1.18
C ASN B 244 38.76 1.32 2.68
N ASN B 247 40.65 -4.04 5.74
CA ASN B 247 40.16 -4.35 7.07
C ASN B 247 38.96 -5.28 7.00
N MET B 248 38.46 -5.50 5.78
CA MET B 248 37.28 -6.33 5.55
C MET B 248 37.66 -7.80 5.74
N ARG B 249 37.63 -8.23 6.99
CA ARG B 249 37.89 -9.64 7.30
C ARG B 249 36.74 -10.51 6.84
N LEU B 250 37.04 -11.79 6.63
CA LEU B 250 36.00 -12.75 6.29
C LEU B 250 35.06 -12.94 7.46
N MET B 251 33.77 -13.09 7.16
CA MET B 251 32.78 -13.25 8.23
C MET B 251 33.07 -14.51 9.03
N LYS B 252 32.89 -14.42 10.34
CA LYS B 252 33.09 -15.53 11.25
C LYS B 252 31.78 -15.82 11.99
N LYS B 253 31.79 -16.87 12.81
CA LYS B 253 30.60 -17.26 13.55
C LYS B 253 30.21 -16.20 14.59
N LYS B 254 31.14 -15.35 15.01
CA LYS B 254 30.87 -14.35 16.03
C LYS B 254 30.18 -13.10 15.50
N ASP B 255 30.06 -12.96 14.18
CA ASP B 255 29.59 -11.73 13.57
C ASP B 255 28.13 -11.81 13.13
N VAL B 256 27.43 -12.90 13.44
CA VAL B 256 26.08 -13.09 12.92
C VAL B 256 25.15 -12.01 13.45
N GLU B 257 25.10 -11.84 14.77
CA GLU B 257 24.19 -10.86 15.37
C GLU B 257 24.45 -9.46 14.82
N GLY B 258 25.71 -9.03 14.83
CA GLY B 258 26.03 -7.70 14.34
C GLY B 258 25.68 -7.49 12.89
N VAL B 259 25.83 -8.54 12.07
CA VAL B 259 25.42 -8.45 10.67
C VAL B 259 23.91 -8.57 10.55
N HIS B 260 23.28 -9.37 11.43
CA HIS B 260 21.83 -9.48 11.44
C HIS B 260 21.16 -8.15 11.76
N LYS B 261 21.80 -7.33 12.61
CA LYS B 261 21.25 -6.02 12.94
C LYS B 261 21.48 -5.03 11.79
N LEU B 262 22.71 -5.02 11.24
CA LEU B 262 23.02 -4.06 10.18
C LEU B 262 22.19 -4.33 8.93
N LEU B 263 22.16 -5.58 8.48
CA LEU B 263 21.39 -5.90 7.28
C LEU B 263 19.89 -5.76 7.53
N GLY B 264 19.43 -6.02 8.75
CA GLY B 264 18.01 -5.91 9.03
C GLY B 264 17.51 -4.48 8.95
N SER B 265 18.24 -3.56 9.58
CA SER B 265 17.82 -2.15 9.56
C SER B 265 17.96 -1.55 8.17
N TYR B 266 18.93 -2.02 7.39
CA TYR B 266 19.18 -1.46 6.07
C TYR B 266 18.17 -1.94 5.03
N LEU B 267 17.65 -3.16 5.16
CA LEU B 267 16.74 -3.70 4.17
C LEU B 267 15.32 -3.16 4.28
N GLU B 268 14.96 -2.56 5.42
CA GLU B 268 13.61 -2.07 5.62
C GLU B 268 13.21 -0.96 4.66
N GLN B 269 14.18 -0.35 3.97
CA GLN B 269 13.89 0.76 3.07
C GLN B 269 13.27 0.32 1.75
N PHE B 270 13.41 -0.95 1.37
CA PHE B 270 13.03 -1.40 0.04
C PHE B 270 11.61 -1.94 0.01
N ASN B 271 11.01 -1.92 -1.18
CA ASN B 271 9.68 -2.45 -1.41
C ASN B 271 9.65 -3.97 -1.52
N LEU B 272 10.82 -4.62 -1.50
CA LEU B 272 10.88 -6.08 -1.65
C LEU B 272 12.17 -6.56 -1.02
N TYR B 273 12.05 -7.26 0.10
CA TYR B 273 13.24 -7.79 0.78
C TYR B 273 12.83 -8.96 1.66
N ALA B 274 13.79 -9.82 1.94
CA ALA B 274 13.56 -10.97 2.81
C ALA B 274 13.80 -10.58 4.26
N VAL B 275 12.91 -11.04 5.14
CA VAL B 275 13.05 -10.82 6.58
C VAL B 275 13.91 -11.96 7.10
N PHE B 276 15.22 -11.74 7.10
CA PHE B 276 16.15 -12.75 7.56
C PHE B 276 16.01 -12.96 9.07
N THR B 277 16.04 -14.23 9.48
CA THR B 277 16.20 -14.56 10.88
C THR B 277 17.69 -14.62 11.21
N LYS B 278 18.00 -14.78 12.49
CA LYS B 278 19.39 -14.93 12.90
C LYS B 278 20.01 -16.17 12.29
N GLU B 279 19.26 -17.28 12.28
CA GLU B 279 19.79 -18.51 11.69
C GLU B 279 19.99 -18.37 10.19
N GLU B 280 19.05 -17.74 9.49
CA GLU B 280 19.19 -17.56 8.05
C GLU B 280 20.38 -16.67 7.71
N ILE B 281 20.68 -15.69 8.56
CA ILE B 281 21.87 -14.86 8.34
C ILE B 281 23.12 -15.72 8.37
N ALA B 282 23.21 -16.64 9.32
CA ALA B 282 24.37 -17.52 9.40
C ALA B 282 24.43 -18.48 8.22
N HIS B 283 23.28 -18.93 7.71
CA HIS B 283 23.27 -19.87 6.60
C HIS B 283 23.72 -19.21 5.31
N TRP B 284 23.20 -18.01 5.02
CA TRP B 284 23.44 -17.38 3.73
C TRP B 284 24.76 -16.61 3.67
N PHE B 285 25.35 -16.26 4.82
CA PHE B 285 26.46 -15.33 4.83
C PHE B 285 27.75 -15.87 5.46
N LEU B 286 27.70 -16.97 6.19
CA LEU B 286 28.95 -17.55 6.67
C LEU B 286 29.72 -18.12 5.49
N PRO B 287 30.99 -17.74 5.32
CA PRO B 287 31.70 -18.06 4.07
C PRO B 287 31.83 -19.56 3.82
N ILE B 288 31.74 -19.93 2.55
CA ILE B 288 31.98 -21.30 2.10
C ILE B 288 32.87 -21.22 0.86
N GLU B 289 33.92 -22.05 0.83
CA GLU B 289 34.84 -22.03 -0.29
C GLU B 289 34.14 -22.44 -1.57
N ASN B 290 34.33 -21.63 -2.62
CA ASN B 290 33.76 -21.89 -3.95
C ASN B 290 32.23 -21.98 -3.91
N VAL B 291 31.60 -21.18 -3.05
CA VAL B 291 30.14 -21.18 -2.94
C VAL B 291 29.64 -19.82 -2.49
N ILE B 292 29.99 -19.42 -1.27
CA ILE B 292 29.51 -18.19 -0.67
C ILE B 292 30.68 -17.44 -0.06
N TYR B 293 30.83 -16.17 -0.43
CA TYR B 293 31.90 -15.32 0.08
CA TYR B 293 31.90 -15.32 0.08
C TYR B 293 31.28 -14.09 0.72
N THR B 294 31.75 -13.74 1.91
CA THR B 294 31.21 -12.58 2.63
C THR B 294 32.30 -12.00 3.53
N TYR B 295 32.56 -10.71 3.36
CA TYR B 295 33.50 -9.97 4.18
C TYR B 295 32.76 -8.91 4.97
N VAL B 296 33.35 -8.51 6.10
CA VAL B 296 32.73 -7.55 7.01
C VAL B 296 33.83 -6.74 7.70
N ASN B 297 33.44 -5.57 8.19
CA ASN B 297 34.34 -4.67 8.90
C ASN B 297 33.75 -4.39 10.29
N GLU B 298 34.41 -4.91 11.32
CA GLU B 298 33.96 -4.78 12.70
C GLU B 298 34.82 -3.75 13.43
N GLU B 299 34.20 -3.02 14.35
CA GLU B 299 34.90 -1.99 15.10
C GLU B 299 34.25 -1.87 16.48
N ASN B 300 35.04 -2.18 17.52
CA ASN B 300 34.65 -2.01 18.92
C ASN B 300 33.38 -2.78 19.30
N GLY B 301 33.09 -3.87 18.60
CA GLY B 301 31.92 -4.69 18.91
C GLY B 301 30.75 -4.53 17.98
N LYS B 302 30.84 -3.67 16.97
CA LYS B 302 29.75 -3.41 16.05
C LYS B 302 30.19 -3.70 14.62
N ILE B 303 29.45 -4.55 13.93
CA ILE B 303 29.68 -4.82 12.52
C ILE B 303 29.02 -3.71 11.72
N LYS B 304 29.84 -2.87 11.07
CA LYS B 304 29.35 -1.65 10.44
C LYS B 304 29.40 -1.67 8.91
N ASP B 305 30.06 -2.65 8.31
CA ASP B 305 30.14 -2.74 6.86
C ASP B 305 30.20 -4.20 6.45
N MET B 306 29.61 -4.52 5.29
CA MET B 306 29.61 -5.89 4.80
C MET B 306 29.63 -5.89 3.28
N ILE B 307 30.26 -6.92 2.72
CA ILE B 307 30.34 -7.14 1.28
C ILE B 307 30.15 -8.63 1.04
N SER B 308 29.31 -8.98 0.07
CA SER B 308 29.00 -10.38 -0.19
C SER B 308 28.92 -10.64 -1.69
N PHE B 309 29.40 -11.81 -2.10
CA PHE B 309 29.32 -12.26 -3.48
C PHE B 309 29.26 -13.78 -3.50
N TYR B 310 28.67 -14.34 -4.55
CA TYR B 310 28.57 -15.79 -4.68
C TYR B 310 29.07 -16.24 -6.05
N SER B 311 29.40 -17.52 -6.13
CA SER B 311 30.12 -18.10 -7.27
C SER B 311 29.17 -18.99 -8.08
N LEU B 312 28.79 -18.53 -9.27
CA LEU B 312 27.99 -19.33 -10.19
C LEU B 312 28.70 -19.39 -11.54
N PRO B 313 29.47 -20.43 -11.81
CA PRO B 313 30.12 -20.56 -13.12
C PRO B 313 29.13 -21.00 -14.20
N SER B 314 29.46 -20.64 -15.43
CA SER B 314 28.61 -20.94 -16.59
C SER B 314 29.45 -21.68 -17.62
N GLN B 315 29.01 -22.87 -18.01
CA GLN B 315 29.75 -23.68 -18.96
C GLN B 315 29.86 -22.97 -20.31
N ILE B 316 30.97 -23.20 -21.01
CA ILE B 316 31.24 -22.49 -22.24
C ILE B 316 30.58 -23.16 -23.45
N LEU B 317 30.37 -24.47 -23.41
CA LEU B 317 29.76 -25.22 -24.51
C LEU B 317 30.55 -25.06 -25.80
N ASP B 320 35.44 -25.00 -28.53
CA ASP B 320 35.41 -24.31 -27.24
C ASP B 320 36.81 -24.15 -26.67
N LYS B 321 37.30 -22.91 -26.62
CA LYS B 321 38.65 -22.66 -26.13
C LYS B 321 38.75 -22.92 -24.63
N TYR B 322 37.73 -22.55 -23.87
CA TYR B 322 37.67 -22.82 -22.44
C TYR B 322 36.55 -23.80 -22.14
N SER B 323 36.66 -24.47 -21.00
CA SER B 323 35.61 -25.38 -20.54
C SER B 323 34.52 -24.64 -19.78
N THR B 324 34.90 -23.88 -18.75
CA THR B 324 33.95 -23.15 -17.93
C THR B 324 34.41 -21.71 -17.76
N LEU B 325 33.45 -20.86 -17.39
CA LEU B 325 33.70 -19.46 -17.07
C LEU B 325 33.31 -19.24 -15.61
N ASN B 326 34.28 -18.85 -14.79
CA ASN B 326 34.04 -18.64 -13.36
C ASN B 326 33.73 -17.17 -13.12
N ALA B 327 32.54 -16.90 -12.56
CA ALA B 327 32.08 -15.54 -12.33
C ALA B 327 31.57 -15.39 -10.90
N ALA B 328 31.60 -14.15 -10.41
CA ALA B 328 31.08 -13.79 -9.11
C ALA B 328 29.83 -12.94 -9.25
N TYR B 329 28.93 -13.05 -8.28
CA TYR B 329 27.65 -12.37 -8.31
C TYR B 329 27.45 -11.65 -6.98
N SER B 330 27.28 -10.32 -7.05
CA SER B 330 27.04 -9.54 -5.84
C SER B 330 25.81 -10.03 -5.11
N PHE B 331 25.90 -10.10 -3.77
CA PHE B 331 24.80 -10.59 -2.95
C PHE B 331 24.21 -9.39 -2.23
N TYR B 332 24.60 -9.10 -1.00
CA TYR B 332 24.14 -7.94 -0.27
C TYR B 332 25.34 -7.11 0.18
N ASN B 333 25.29 -5.80 -0.07
CA ASN B 333 26.37 -4.90 0.31
C ASN B 333 25.78 -3.76 1.13
N VAL B 334 26.26 -3.59 2.35
CA VAL B 334 25.82 -2.53 3.25
C VAL B 334 27.05 -1.75 3.71
N THR B 335 26.99 -0.43 3.62
CA THR B 335 28.09 0.42 4.03
C THR B 335 27.59 1.51 4.95
N THR B 336 28.42 1.88 5.92
CA THR B 336 28.04 2.90 6.90
C THR B 336 29.25 3.78 7.19
N THR B 337 30.43 3.21 7.08
CA THR B 337 31.66 3.96 7.29
C THR B 337 32.21 4.57 6.01
N ALA B 338 31.62 4.26 4.86
CA ALA B 338 32.18 4.68 3.58
C ALA B 338 31.04 4.94 2.60
N THR B 339 31.38 5.09 1.33
CA THR B 339 30.41 5.28 0.26
C THR B 339 30.21 3.96 -0.49
N PHE B 340 29.09 3.88 -1.20
CA PHE B 340 28.74 2.62 -1.86
C PHE B 340 29.67 2.31 -3.02
N LYS B 341 30.18 3.34 -3.71
CA LYS B 341 31.10 3.10 -4.81
C LYS B 341 32.40 2.50 -4.32
N GLN B 342 33.01 3.11 -3.29
CA GLN B 342 34.24 2.55 -2.74
C GLN B 342 33.99 1.26 -1.97
N LEU B 343 32.73 0.93 -1.67
CA LEU B 343 32.43 -0.38 -1.10
C LEU B 343 32.35 -1.45 -2.19
N MET B 344 31.62 -1.16 -3.28
CA MET B 344 31.56 -2.10 -4.39
C MET B 344 32.91 -2.23 -5.08
N GLN B 345 33.74 -1.17 -5.04
CA GLN B 345 35.09 -1.27 -5.57
C GLN B 345 35.91 -2.28 -4.76
N ASP B 346 35.69 -2.32 -3.44
CA ASP B 346 36.34 -3.34 -2.62
C ASP B 346 35.78 -4.72 -2.93
N ALA B 347 34.48 -4.80 -3.28
CA ALA B 347 33.89 -6.07 -3.65
C ALA B 347 34.51 -6.61 -4.93
N ILE B 348 34.73 -5.74 -5.92
CA ILE B 348 35.36 -6.18 -7.17
C ILE B 348 36.80 -6.60 -6.93
N LEU B 349 37.48 -5.99 -5.95
CA LEU B 349 38.84 -6.39 -5.64
C LEU B 349 38.87 -7.78 -5.01
N LEU B 350 38.01 -8.01 -4.01
CA LEU B 350 37.98 -9.30 -3.33
C LEU B 350 37.43 -10.40 -4.23
N ALA B 351 36.64 -10.06 -5.24
CA ALA B 351 36.11 -11.06 -6.17
C ALA B 351 37.25 -11.73 -6.92
N LYS B 352 37.95 -10.98 -7.78
CA LYS B 352 39.05 -11.55 -8.54
C LYS B 352 40.26 -11.89 -7.66
N ARG B 353 40.23 -11.54 -6.37
CA ARG B 353 41.19 -12.10 -5.43
C ARG B 353 40.93 -13.57 -5.12
N ASN B 354 39.84 -14.14 -5.66
CA ASN B 354 39.55 -15.56 -5.52
C ASN B 354 39.37 -16.23 -6.89
N ASN B 355 40.14 -15.78 -7.88
CA ASN B 355 40.27 -16.45 -9.18
C ASN B 355 38.97 -16.46 -9.98
N PHE B 356 38.15 -15.43 -9.84
CA PHE B 356 36.93 -15.33 -10.63
C PHE B 356 37.23 -14.72 -12.00
N PHE B 359 32.92 -9.52 -12.57
CA PHE B 359 32.00 -9.35 -11.45
C PHE B 359 30.61 -8.97 -11.94
N ASN B 360 29.63 -9.84 -11.67
CA ASN B 360 28.26 -9.62 -12.11
C ASN B 360 27.46 -8.93 -11.02
N ALA B 361 26.62 -7.99 -11.43
CA ALA B 361 25.79 -7.24 -10.50
C ALA B 361 24.49 -6.84 -11.19
N LEU B 362 23.43 -6.75 -10.40
CA LEU B 362 22.12 -6.32 -10.86
C LEU B 362 21.85 -4.90 -10.40
N GLU B 363 21.04 -4.17 -11.18
CA GLU B 363 20.69 -2.80 -10.82
C GLU B 363 19.60 -2.78 -9.75
N VAL B 364 19.80 -3.55 -8.69
CA VAL B 364 18.90 -3.52 -7.55
C VAL B 364 19.57 -2.74 -6.42
N MET B 365 18.79 -2.38 -5.40
CA MET B 365 19.26 -1.64 -4.24
C MET B 365 19.97 -0.35 -4.66
N GLN B 366 21.29 -0.30 -4.56
CA GLN B 366 22.05 0.89 -4.91
C GLN B 366 23.11 0.63 -5.98
N ASN B 367 23.05 -0.52 -6.66
CA ASN B 367 24.18 -0.93 -7.50
C ASN B 367 24.26 -0.12 -8.79
N LYS B 368 23.13 0.35 -9.31
CA LYS B 368 23.15 1.10 -10.56
C LYS B 368 23.91 2.41 -10.42
N SER B 369 23.98 2.96 -9.20
CA SER B 369 24.66 4.24 -8.98
C SER B 369 26.17 4.14 -9.16
N VAL B 370 26.73 2.94 -9.17
CA VAL B 370 28.18 2.75 -9.21
C VAL B 370 28.64 2.09 -10.49
N PHE B 371 27.74 1.76 -11.42
CA PHE B 371 28.16 1.12 -12.66
C PHE B 371 28.94 2.05 -13.58
N GLU B 372 28.87 3.37 -13.33
CA GLU B 372 29.59 4.32 -14.18
C GLU B 372 31.04 4.48 -13.72
N ASP B 373 31.24 5.02 -12.52
CA ASP B 373 32.58 5.24 -12.00
C ASP B 373 33.36 3.94 -11.97
N LEU B 374 32.90 2.98 -11.15
CA LEU B 374 33.38 1.61 -11.28
C LEU B 374 32.98 1.11 -12.66
N LYS B 375 33.95 0.93 -13.56
CA LYS B 375 33.71 0.76 -14.99
C LYS B 375 33.00 -0.56 -15.26
N PHE B 376 31.71 -0.60 -14.95
CA PHE B 376 30.89 -1.75 -15.31
C PHE B 376 30.47 -1.68 -16.78
N GLY B 377 30.08 -2.83 -17.31
CA GLY B 377 29.61 -2.93 -18.69
C GLY B 377 28.15 -3.35 -18.72
N GLU B 378 27.37 -2.70 -19.57
CA GLU B 378 25.96 -3.02 -19.71
C GLU B 378 25.80 -4.37 -20.39
N GLY B 379 24.96 -5.23 -19.82
CA GLY B 379 24.79 -6.59 -20.29
C GLY B 379 23.55 -6.77 -21.17
N ASP B 380 23.49 -7.94 -21.80
CA ASP B 380 22.37 -8.33 -22.64
C ASP B 380 21.42 -9.22 -21.86
N GLY B 381 20.14 -8.84 -21.83
CA GLY B 381 19.15 -9.54 -21.04
C GLY B 381 19.00 -8.93 -19.65
N SER B 382 17.96 -9.39 -18.95
CA SER B 382 17.67 -8.88 -17.61
C SER B 382 17.08 -10.00 -16.77
N LEU B 383 17.07 -9.76 -15.46
CA LEU B 383 16.48 -10.68 -14.50
C LEU B 383 15.19 -10.07 -13.98
N LYS B 384 14.07 -10.74 -14.23
CA LYS B 384 12.75 -10.25 -13.83
C LYS B 384 12.35 -10.91 -12.52
N TYR B 385 11.85 -10.09 -11.59
CA TYR B 385 11.34 -10.59 -10.31
C TYR B 385 9.85 -10.86 -10.41
N TYR B 386 9.42 -11.99 -9.87
CA TYR B 386 8.03 -12.41 -9.97
C TYR B 386 7.48 -12.80 -8.60
N LEU B 387 6.21 -12.48 -8.39
CA LEU B 387 5.46 -12.95 -7.23
C LEU B 387 4.32 -13.82 -7.71
N TYR B 388 4.14 -14.97 -7.07
CA TYR B 388 3.06 -15.90 -7.40
C TYR B 388 1.90 -15.63 -6.46
N ASN B 389 0.73 -15.39 -7.03
CA ASN B 389 -0.49 -15.10 -6.26
C ASN B 389 -0.30 -13.89 -5.36
N TRP B 390 0.23 -12.82 -5.94
CA TRP B 390 0.32 -11.54 -5.24
C TRP B 390 0.09 -10.41 -6.24
N LYS B 391 -0.72 -9.44 -5.82
CA LYS B 391 -1.16 -8.35 -6.68
C LYS B 391 -0.68 -7.04 -6.06
N CYS B 392 0.24 -6.37 -6.73
CA CYS B 392 0.83 -5.15 -6.18
C CYS B 392 1.39 -4.31 -7.33
N ALA B 393 1.68 -3.05 -7.01
CA ALA B 393 2.28 -2.14 -7.98
C ALA B 393 3.72 -2.56 -8.27
N SER B 394 4.12 -2.44 -9.52
CA SER B 394 5.50 -2.66 -9.89
C SER B 394 6.34 -1.44 -9.55
N PHE B 395 7.65 -1.63 -9.47
CA PHE B 395 8.54 -0.55 -9.06
C PHE B 395 9.87 -0.70 -9.76
N ALA B 396 10.59 0.42 -9.87
CA ALA B 396 11.92 0.40 -10.45
C ALA B 396 12.82 -0.52 -9.64
N PRO B 397 13.81 -1.16 -10.28
CA PRO B 397 14.63 -2.14 -9.57
C PRO B 397 15.44 -1.56 -8.42
N ALA B 398 15.54 -0.24 -8.31
CA ALA B 398 16.23 0.36 -7.16
C ALA B 398 15.51 0.04 -5.86
N HIS B 399 14.21 -0.21 -5.92
CA HIS B 399 13.42 -0.55 -4.74
C HIS B 399 13.45 -2.04 -4.42
N VAL B 400 14.14 -2.85 -5.23
CA VAL B 400 14.33 -4.26 -4.92
C VAL B 400 15.49 -4.40 -3.95
N GLY B 401 15.26 -5.08 -2.84
CA GLY B 401 16.28 -5.26 -1.83
C GLY B 401 16.55 -6.71 -1.51
N ILE B 402 16.49 -7.57 -2.52
CA ILE B 402 16.74 -9.01 -2.34
C ILE B 402 17.39 -9.54 -3.61
N VAL B 403 18.36 -10.43 -3.43
CA VAL B 403 19.07 -11.08 -4.52
C VAL B 403 18.87 -12.59 -4.39
N LEU B 404 18.42 -13.22 -5.47
CA LEU B 404 18.21 -14.66 -5.49
C LEU B 404 19.36 -15.36 -6.20
N LEU B 405 19.40 -16.67 -6.06
CA LEU B 405 20.50 -17.48 -6.61
C LEU B 405 20.22 -17.92 -8.04
S1 MYA C . -12.22 14.41 12.11
C2 MYA C . -10.90 13.29 12.39
C3 MYA C . -10.49 13.33 13.87
N4 MYA C . -9.23 12.64 14.08
C5 MYA C . -9.12 11.68 14.99
O5 MYA C . -9.98 11.42 15.82
C6 MYA C . -7.85 10.86 14.94
C7 MYA C . -7.54 10.29 16.32
N8 MYA C . -7.46 11.33 17.33
C9 MYA C . -6.50 12.25 17.34
O9 MYA C . -5.57 12.25 16.54
C10 MYA C . -6.59 13.30 18.41
O10 MYA C . -7.36 12.83 19.52
C11 MYA C . -7.18 14.62 17.91
C12 MYA C . -7.51 15.40 19.18
C13 MYA C . -8.45 14.38 17.11
C14 MYA C . -6.17 15.37 17.06
N1A MYA C . -12.18 17.94 15.58
O1A MYA C . -4.67 18.44 21.34
P1A MYA C . -5.82 18.30 22.31
C1X MYA C . -10.73 19.45 20.37
C2A MYA C . -12.01 19.18 16.09
O2A MYA C . -5.55 18.30 23.79
P2A MYA C . -5.98 15.67 21.29
C2M MYA C . -11.37 15.53 11.21
O2M MYA C . -10.28 15.21 10.75
C2X MYA C . -11.38 19.34 21.73
O2X MYA C . -12.74 19.79 21.70
N3A MYA C . -11.63 19.41 17.35
O3A MYA C . -6.65 16.97 21.93
C3M MYA C . -11.91 16.92 11.00
C3X MYA C . -10.53 20.26 22.57
O3X MYA C . -11.07 21.57 22.41
P3X MYA C . -11.84 22.34 23.59
C4A MYA C . -11.39 18.38 18.21
O4A MYA C . -6.77 14.46 21.74
C4M MYA C . -11.32 17.84 12.06
C4X MYA C . -9.16 20.25 21.89
O4X MYA C . -9.33 19.58 20.64
C5A MYA C . -11.55 17.00 17.73
O5A MYA C . -4.48 15.68 21.47
C5M MYA C . -11.75 19.29 11.85
C5X MYA C . -8.10 19.55 22.74
O5X MYA C . -6.90 19.44 21.97
C6A MYA C . -11.97 16.83 16.32
N6A MYA C . -12.15 15.59 15.78
O6A MYA C . -6.30 15.90 19.73
C6M MYA C . -10.96 20.22 12.77
N7A MYA C . -11.25 16.20 18.77
O7A MYA C . -12.37 23.57 22.90
C7M MYA C . -11.61 21.60 12.88
C8A MYA C . -10.92 16.99 19.82
O8A MYA C . -12.91 21.36 24.03
C8M MYA C . -11.38 22.45 11.64
N9A MYA C . -11.02 18.30 19.49
O9A MYA C . -10.77 22.59 24.61
C9M MYA C . -12.15 23.76 11.73
CAM MYA C . -12.01 24.58 10.45
CBM MYA C . -10.63 25.22 10.33
CCM MYA C . -10.47 25.96 9.00
CDM MYA C . -11.19 27.31 9.00
CEM MYA C . -11.08 27.97 7.63
CFM MYA C . -11.78 29.32 7.61
C01 CJ4 D . -14.93 8.13 6.54
C03 CJ4 D . -13.71 8.86 8.56
C04 CJ4 D . -13.72 9.92 9.67
C05 CJ4 D . -15.16 10.31 10.06
C07 CJ4 D . -15.51 9.03 12.19
C08 CJ4 D . -16.76 8.48 10.14
C10 CJ4 D . -18.14 8.16 8.35
C11 CJ4 D . -18.56 6.98 8.86
C13 CJ4 D . -18.03 6.56 10.08
C16 CJ4 D . -18.85 4.17 10.05
C17 CJ4 D . -18.88 3.54 11.51
C18 CJ4 D . -18.17 4.83 12.01
C19 CJ4 D . -18.02 2.31 11.59
C22 CJ4 D . -16.96 0.67 13.09
C23 CJ4 D . -15.53 0.85 12.70
C24 CJ4 D . -14.72 0.12 11.90
C26 CJ4 D . -13.47 1.72 12.57
C27 CJ4 D . -12.45 2.67 12.88
C28 CJ4 D . -12.73 3.70 13.70
C29 CJ4 D . -14.04 3.85 14.28
C30 CJ4 D . -15.00 2.96 14.00
F12 CJ4 D . -19.49 6.20 8.22
N02 CJ4 D . -14.67 9.21 7.51
N06 CJ4 D . -15.85 9.24 10.78
N09 CJ4 D . -17.24 8.93 8.97
N14 CJ4 D . -17.13 7.32 10.70
N15 CJ4 D . -18.38 5.41 10.67
N21 CJ4 D . -17.77 1.87 12.83
N25 CJ4 D . -13.46 0.65 11.82
N31 CJ4 D . -14.73 1.90 13.15
O20 CJ4 D . -17.58 1.76 10.58
#